data_8DSD
#
_entry.id   8DSD
#
_cell.length_a   60.512
_cell.length_b   106.691
_cell.length_c   82.803
_cell.angle_alpha   90.000
_cell.angle_beta   96.550
_cell.angle_gamma   90.000
#
_symmetry.space_group_name_H-M   'P 1 21 1'
#
loop_
_entity.id
_entity.type
_entity.pdbx_description
1 polymer 'Nicotinamide phosphoribosyltransferase'
2 non-polymer NICOTINAMIDE
3 non-polymer 'PHOSPHATE ION'
4 non-polymer (3S)-1-[2-(4-methylphenyl)-2H-pyrazolo[3,4-d]pyrimidin-4-yl]-N-{[4-(methylsulfanyl)phenyl]methyl}piperidine-3-carboxamide
5 non-polymer 'CHLORIDE ION'
6 non-polymer GLYCEROL
7 water water
#
_entity_poly.entity_id   1
_entity_poly.type   'polypeptide(L)'
_entity_poly.pdbx_seq_one_letter_code
;MNPAAEAEFNILLATDSYKVTHYKQYPPNTSKVYSYFECREKKTENSKLRKVKYEETVFYGLQYILNKYLKGKVVTKEKI
QEAKDVYKEHFQDDVFNEKGWNYILEKYDGHLPIEIKAVPEGFVIPRGNVLFTVENTDPECYWLTNWIETILVQSWYPIT
VATNSREQKKILAKYLLETSGNLDGLEYKLHDFGYRGVSSQETAGIGASAHLVNFKGTDTVAGLALIKKYYGTKDPVPGY
SVPAAEHSTITAWGKDHEKDAFEHIVTQFSSVPVSVVSDSYDIYNACEKIWGEDLRHLIVSRSTQAPLIIRPDSGNPLDT
VLKVLEILGKKFPVTENSKGYKLLPPYLRVIQGDGVDINTLQEIVEGMKQKMWSIENIAFGSGGGLLQKLTRDLLNCSFK
CSYVVTNGLGINVFKDPVADPNKRSKKGRLSLHRTPAGNFVTLEEGKGDLEEYGQDLLHTVFKNGKVTKSYSFDEIRKNA
QLNIELEAAHHLEHHHHHH
;
_entity_poly.pdbx_strand_id   A,B
#
# COMPACT_ATOMS: atom_id res chain seq x y z
N PHE A 9 -6.26 -12.78 -14.34
CA PHE A 9 -5.99 -13.19 -12.96
C PHE A 9 -6.14 -14.70 -12.85
N ASN A 10 -5.22 -15.32 -12.13
CA ASN A 10 -5.17 -16.77 -11.95
C ASN A 10 -5.05 -17.04 -10.46
N ILE A 11 -6.15 -17.49 -9.85
CA ILE A 11 -6.17 -17.78 -8.42
C ILE A 11 -5.11 -18.82 -8.04
N LEU A 12 -4.71 -19.66 -8.99
CA LEU A 12 -3.68 -20.68 -8.68
C LEU A 12 -2.31 -19.99 -8.46
N LEU A 13 -2.17 -18.76 -8.94
CA LEU A 13 -0.91 -17.97 -8.78
C LEU A 13 -1.15 -16.80 -7.83
N ALA A 14 -2.25 -16.83 -7.07
CA ALA A 14 -2.63 -15.72 -6.17
C ALA A 14 -2.48 -16.12 -4.69
N THR A 15 -1.51 -16.98 -4.38
CA THR A 15 -1.29 -17.42 -2.97
C THR A 15 0.20 -17.33 -2.63
N ASP A 16 0.53 -17.33 -1.33
CA ASP A 16 1.95 -17.36 -0.89
C ASP A 16 2.54 -18.68 -1.40
N SER A 17 3.79 -18.68 -1.83
CA SER A 17 4.41 -19.85 -2.45
C SER A 17 4.43 -21.10 -1.59
N TYR A 18 4.65 -20.94 -0.28
CA TYR A 18 4.68 -22.11 0.62
C TYR A 18 3.35 -22.89 0.69
N LYS A 19 2.23 -22.19 0.52
CA LYS A 19 0.93 -22.83 0.54
C LYS A 19 0.82 -23.88 -0.56
N VAL A 20 1.43 -23.65 -1.73
CA VAL A 20 1.40 -24.66 -2.77
C VAL A 20 1.79 -26.01 -2.22
N THR A 21 2.56 -26.03 -1.13
CA THR A 21 3.10 -27.29 -0.58
C THR A 21 2.29 -27.84 0.59
N HIS A 22 1.26 -27.12 1.03
CA HIS A 22 0.61 -27.49 2.28
C HIS A 22 -0.29 -28.70 2.18
N TYR A 23 -0.78 -29.01 0.97
CA TYR A 23 -1.64 -30.20 0.86
C TYR A 23 -0.92 -31.46 1.29
N LYS A 24 0.39 -31.48 1.25
CA LYS A 24 1.18 -32.64 1.67
C LYS A 24 1.48 -32.63 3.15
N GLN A 25 1.15 -31.52 3.82
CA GLN A 25 1.58 -31.34 5.24
C GLN A 25 0.44 -31.53 6.24
N TYR A 26 -0.82 -31.48 5.79
CA TYR A 26 -1.96 -31.65 6.72
C TYR A 26 -2.01 -33.11 7.20
N PRO A 27 -2.58 -33.39 8.38
CA PRO A 27 -2.64 -34.76 8.88
C PRO A 27 -3.45 -35.62 7.90
N PRO A 28 -3.04 -36.88 7.65
CA PRO A 28 -3.78 -37.78 6.76
C PRO A 28 -5.19 -38.05 7.30
N ASN A 29 -6.13 -38.25 6.37
CA ASN A 29 -7.58 -38.49 6.63
C ASN A 29 -8.24 -37.21 7.17
N THR A 30 -7.75 -36.04 6.76
CA THR A 30 -8.36 -34.76 7.17
C THR A 30 -9.39 -34.38 6.11
N SER A 31 -10.67 -34.32 6.49
CA SER A 31 -11.76 -34.01 5.53
C SER A 31 -12.21 -32.54 5.65
N LYS A 32 -11.69 -31.79 6.62
CA LYS A 32 -12.17 -30.39 6.76
C LYS A 32 -11.17 -29.52 7.52
N VAL A 33 -10.91 -28.34 6.95
CA VAL A 33 -10.10 -27.31 7.58
C VAL A 33 -10.98 -26.06 7.68
N TYR A 34 -11.15 -25.54 8.88
CA TYR A 34 -12.01 -24.42 9.19
C TYR A 34 -11.16 -23.34 9.84
N SER A 35 -11.19 -22.14 9.27
CA SER A 35 -10.31 -21.06 9.71
C SER A 35 -11.12 -19.79 9.89
N TYR A 36 -10.52 -18.80 10.55
CA TYR A 36 -11.28 -17.59 10.87
C TYR A 36 -10.34 -16.40 10.85
N PHE A 37 -10.95 -15.23 10.70
CA PHE A 37 -10.22 -13.97 10.69
C PHE A 37 -10.69 -13.13 11.87
N GLU A 38 -9.74 -12.51 12.55
CA GLU A 38 -10.07 -11.53 13.60
C GLU A 38 -9.03 -10.41 13.58
N CYS A 39 -9.35 -9.33 14.27
CA CYS A 39 -8.40 -8.24 14.54
C CYS A 39 -8.00 -8.44 16.00
N ARG A 40 -6.92 -9.20 16.21
CA ARG A 40 -6.60 -9.69 17.55
C ARG A 40 -6.45 -8.56 18.54
N GLU A 41 -6.86 -8.82 19.77
CA GLU A 41 -6.58 -7.83 20.83
C GLU A 41 -5.08 -7.66 21.05
N LYS A 53 -6.19 3.65 20.26
CA LYS A 53 -6.39 2.36 20.87
C LYS A 53 -6.99 1.35 19.89
N TYR A 54 -7.79 1.86 18.96
CA TYR A 54 -8.44 1.02 17.94
C TYR A 54 -9.21 -0.14 18.56
N GLU A 55 -10.00 0.18 19.58
CA GLU A 55 -10.81 -0.81 20.29
C GLU A 55 -11.83 -1.52 19.41
N GLU A 56 -12.45 -0.78 18.50
CA GLU A 56 -13.46 -1.36 17.59
C GLU A 56 -13.08 -1.14 16.12
N THR A 57 -13.39 -2.12 15.28
CA THR A 57 -13.06 -2.04 13.87
C THR A 57 -14.27 -2.13 12.93
N VAL A 58 -14.19 -1.42 11.81
CA VAL A 58 -15.23 -1.43 10.79
C VAL A 58 -14.95 -2.61 9.85
N PHE A 59 -15.90 -3.54 9.73
CA PHE A 59 -15.70 -4.67 8.83
C PHE A 59 -16.12 -4.25 7.43
N TYR A 60 -15.17 -4.15 6.51
CA TYR A 60 -15.48 -3.65 5.17
C TYR A 60 -14.45 -4.18 4.18
N GLY A 61 -14.95 -4.64 3.04
CA GLY A 61 -14.12 -4.90 1.87
C GLY A 61 -14.13 -6.34 1.37
N LEU A 62 -14.70 -7.26 2.15
CA LEU A 62 -14.71 -8.65 1.74
C LEU A 62 -15.51 -8.83 0.44
N GLN A 63 -16.63 -8.13 0.32
CA GLN A 63 -17.49 -8.27 -0.86
C GLN A 63 -16.73 -7.98 -2.15
N TYR A 64 -15.86 -6.97 -2.12
CA TYR A 64 -15.00 -6.71 -3.28
C TYR A 64 -14.19 -7.95 -3.64
N ILE A 65 -13.52 -8.53 -2.65
CA ILE A 65 -12.66 -9.69 -2.90
C ILE A 65 -13.48 -10.85 -3.39
N LEU A 66 -14.62 -11.11 -2.76
CA LEU A 66 -15.46 -12.23 -3.21
C LEU A 66 -15.81 -12.11 -4.67
N ASN A 67 -16.27 -10.93 -5.09
CA ASN A 67 -16.73 -10.77 -6.47
C ASN A 67 -15.60 -10.69 -7.46
N LYS A 68 -14.53 -9.93 -7.16
CA LYS A 68 -13.47 -9.75 -8.13
C LYS A 68 -12.63 -11.03 -8.34
N TYR A 69 -12.40 -11.81 -7.29
CA TYR A 69 -11.38 -12.85 -7.33
C TYR A 69 -11.89 -14.26 -7.05
N LEU A 70 -12.93 -14.43 -6.23
CA LEU A 70 -13.29 -15.78 -5.77
C LEU A 70 -14.50 -16.40 -6.44
N LYS A 71 -15.43 -15.62 -6.98
CA LYS A 71 -16.69 -16.19 -7.48
C LYS A 71 -16.58 -16.72 -8.89
N GLY A 72 -17.48 -17.65 -9.21
CA GLY A 72 -17.63 -18.19 -10.55
C GLY A 72 -16.56 -19.21 -10.92
N LYS A 73 -16.34 -19.33 -12.23
CA LYS A 73 -15.37 -20.31 -12.72
C LYS A 73 -13.99 -19.70 -12.64
N VAL A 74 -13.24 -20.08 -11.61
CA VAL A 74 -11.91 -19.51 -11.37
C VAL A 74 -10.79 -20.45 -11.71
N VAL A 75 -11.11 -21.69 -12.12
CA VAL A 75 -10.12 -22.68 -12.54
C VAL A 75 -10.43 -23.04 -13.99
N THR A 76 -9.39 -23.09 -14.82
CA THR A 76 -9.49 -23.63 -16.18
C THR A 76 -8.30 -24.54 -16.45
N LYS A 77 -8.39 -25.36 -17.52
CA LYS A 77 -7.25 -26.20 -17.86
C LYS A 77 -5.98 -25.37 -18.09
N GLU A 78 -6.13 -24.22 -18.77
CA GLU A 78 -4.98 -23.37 -19.05
C GLU A 78 -4.38 -22.79 -17.78
N LYS A 79 -5.23 -22.38 -16.83
CA LYS A 79 -4.72 -21.84 -15.58
C LYS A 79 -3.98 -22.91 -14.78
N ILE A 80 -4.46 -24.17 -14.82
CA ILE A 80 -3.75 -25.23 -14.13
C ILE A 80 -2.40 -25.46 -14.77
N GLN A 81 -2.37 -25.53 -16.10
CA GLN A 81 -1.09 -25.79 -16.78
C GLN A 81 -0.11 -24.66 -16.55
N GLU A 82 -0.59 -23.40 -16.56
CA GLU A 82 0.29 -22.26 -16.34
C GLU A 82 0.88 -22.32 -14.92
N ALA A 83 0.02 -22.61 -13.94
CA ALA A 83 0.54 -22.73 -12.58
C ALA A 83 1.55 -23.85 -12.47
N LYS A 84 1.25 -25.00 -13.09
CA LYS A 84 2.19 -26.12 -13.02
C LYS A 84 3.55 -25.73 -13.58
N ASP A 85 3.57 -25.04 -14.73
CA ASP A 85 4.82 -24.63 -15.35
C ASP A 85 5.60 -23.63 -14.49
N VAL A 86 4.91 -22.63 -13.93
CA VAL A 86 5.58 -21.63 -13.09
C VAL A 86 6.16 -22.28 -11.85
N TYR A 87 5.35 -23.10 -11.17
CA TYR A 87 5.84 -23.69 -9.91
C TYR A 87 7.00 -24.67 -10.11
N LYS A 88 7.03 -25.38 -11.25
CA LYS A 88 8.16 -26.25 -11.52
C LYS A 88 9.47 -25.47 -11.54
N GLU A 89 9.45 -24.26 -12.12
CA GLU A 89 10.67 -23.46 -12.12
C GLU A 89 10.89 -22.76 -10.78
N HIS A 90 9.81 -22.33 -10.14
CA HIS A 90 9.94 -21.53 -8.94
C HIS A 90 10.43 -22.36 -7.75
N PHE A 91 10.00 -23.62 -7.68
CA PHE A 91 10.48 -24.54 -6.65
C PHE A 91 11.63 -25.43 -7.11
N GLN A 92 11.85 -25.49 -8.42
CA GLN A 92 12.89 -26.36 -8.97
C GLN A 92 12.53 -27.80 -8.59
N ASP A 93 11.23 -28.04 -8.45
CA ASP A 93 10.71 -29.35 -8.08
C ASP A 93 9.24 -29.39 -8.46
N ASP A 94 8.67 -30.58 -8.59
CA ASP A 94 7.26 -30.69 -8.91
C ASP A 94 6.52 -30.96 -7.61
N VAL A 95 5.90 -29.92 -7.05
CA VAL A 95 5.15 -30.06 -5.82
C VAL A 95 3.72 -29.57 -5.93
N PHE A 96 3.39 -28.96 -7.06
CA PHE A 96 2.05 -28.40 -7.24
C PHE A 96 0.96 -29.48 -7.31
N ASN A 97 -0.18 -29.24 -6.63
CA ASN A 97 -1.29 -30.19 -6.53
C ASN A 97 -2.18 -30.06 -7.77
N GLU A 98 -1.63 -30.50 -8.91
CA GLU A 98 -2.43 -30.50 -10.15
C GLU A 98 -3.68 -31.35 -10.01
N LYS A 99 -3.56 -32.53 -9.40
CA LYS A 99 -4.70 -33.40 -9.24
C LYS A 99 -5.83 -32.71 -8.47
N GLY A 100 -5.51 -32.02 -7.38
CA GLY A 100 -6.55 -31.42 -6.57
C GLY A 100 -7.23 -30.24 -7.24
N TRP A 101 -6.47 -29.47 -8.03
CA TRP A 101 -7.10 -28.39 -8.78
C TRP A 101 -7.92 -28.92 -9.94
N ASN A 102 -7.42 -30.00 -10.59
CA ASN A 102 -8.20 -30.58 -11.69
C ASN A 102 -9.51 -31.17 -11.18
N TYR A 103 -9.52 -31.66 -9.94
CA TYR A 103 -10.74 -32.13 -9.33
C TYR A 103 -11.80 -31.03 -9.22
N ILE A 104 -11.40 -29.83 -8.77
CA ILE A 104 -12.36 -28.74 -8.71
C ILE A 104 -12.86 -28.37 -10.11
N LEU A 105 -11.95 -28.35 -11.09
CA LEU A 105 -12.36 -28.04 -12.46
C LEU A 105 -13.38 -29.03 -12.98
N GLU A 106 -13.12 -30.32 -12.80
CA GLU A 106 -13.99 -31.34 -13.39
C GLU A 106 -15.27 -31.51 -12.60
N LYS A 107 -15.21 -31.43 -11.27
CA LYS A 107 -16.39 -31.73 -10.49
C LYS A 107 -17.30 -30.52 -10.31
N TYR A 108 -16.73 -29.32 -10.21
CA TYR A 108 -17.52 -28.13 -9.89
C TYR A 108 -17.46 -27.06 -10.98
N ASP A 109 -17.04 -27.43 -12.19
CA ASP A 109 -16.87 -26.45 -13.27
C ASP A 109 -16.01 -25.27 -12.80
N GLY A 110 -14.98 -25.61 -12.03
CA GLY A 110 -14.02 -24.60 -11.60
C GLY A 110 -14.49 -23.65 -10.53
N HIS A 111 -15.61 -23.93 -9.87
CA HIS A 111 -16.13 -23.11 -8.79
C HIS A 111 -15.60 -23.62 -7.45
N LEU A 112 -15.23 -22.70 -6.55
CA LEU A 112 -14.55 -23.11 -5.34
C LEU A 112 -15.52 -23.72 -4.32
N PRO A 113 -15.26 -24.97 -3.84
CA PRO A 113 -16.13 -25.58 -2.80
C PRO A 113 -15.73 -25.11 -1.41
N ILE A 114 -16.12 -23.87 -1.15
CA ILE A 114 -15.76 -23.12 0.05
C ILE A 114 -17.01 -22.44 0.54
N GLU A 115 -17.20 -22.38 1.86
CA GLU A 115 -18.24 -21.57 2.45
C GLU A 115 -17.60 -20.50 3.34
N ILE A 116 -18.00 -19.25 3.14
CA ILE A 116 -17.51 -18.14 3.97
C ILE A 116 -18.69 -17.50 4.65
N LYS A 117 -18.61 -17.32 5.97
CA LYS A 117 -19.65 -16.65 6.75
C LYS A 117 -19.01 -15.42 7.36
N ALA A 118 -19.72 -14.30 7.37
CA ALA A 118 -19.12 -13.02 7.73
C ALA A 118 -20.13 -12.16 8.46
N VAL A 119 -19.62 -11.28 9.33
CA VAL A 119 -20.44 -10.25 9.93
C VAL A 119 -20.83 -9.26 8.82
N PRO A 120 -22.00 -8.62 8.87
CA PRO A 120 -22.39 -7.71 7.78
C PRO A 120 -21.40 -6.56 7.61
N GLU A 121 -21.15 -6.21 6.36
CA GLU A 121 -20.24 -5.09 6.11
C GLU A 121 -20.76 -3.79 6.71
N GLY A 122 -19.83 -3.01 7.25
CA GLY A 122 -20.15 -1.80 7.93
C GLY A 122 -20.28 -2.01 9.42
N PHE A 123 -20.48 -3.25 9.89
CA PHE A 123 -20.59 -3.49 11.32
C PHE A 123 -19.31 -3.08 12.04
N VAL A 124 -19.48 -2.49 13.21
CA VAL A 124 -18.40 -2.01 14.05
C VAL A 124 -18.28 -2.96 15.22
N ILE A 125 -17.14 -3.69 15.27
CA ILE A 125 -16.99 -4.84 16.15
C ILE A 125 -15.78 -4.68 17.05
N PRO A 126 -15.85 -4.92 18.35
CA PRO A 126 -14.64 -4.82 19.18
C PRO A 126 -13.56 -5.81 18.76
N ARG A 127 -12.32 -5.44 19.05
CA ARG A 127 -11.17 -6.28 18.77
C ARG A 127 -11.34 -7.65 19.41
N GLY A 128 -10.73 -8.65 18.79
CA GLY A 128 -10.69 -9.98 19.37
C GLY A 128 -11.93 -10.79 19.09
N ASN A 129 -12.72 -10.42 18.09
CA ASN A 129 -13.92 -11.17 17.70
C ASN A 129 -13.80 -11.76 16.31
N VAL A 130 -14.44 -12.90 16.11
CA VAL A 130 -14.50 -13.49 14.76
C VAL A 130 -15.24 -12.54 13.83
N LEU A 131 -14.65 -12.22 12.68
CA LEU A 131 -15.30 -11.39 11.69
C LEU A 131 -15.73 -12.19 10.48
N PHE A 132 -14.97 -13.24 10.11
CA PHE A 132 -15.44 -14.16 9.08
C PHE A 132 -14.76 -15.50 9.30
N THR A 133 -15.42 -16.55 8.82
CA THR A 133 -14.89 -17.91 8.83
C THR A 133 -14.90 -18.48 7.41
N VAL A 134 -14.04 -19.47 7.18
CA VAL A 134 -13.85 -20.12 5.88
C VAL A 134 -13.72 -21.60 6.13
N GLU A 135 -14.40 -22.39 5.31
CA GLU A 135 -14.25 -23.85 5.39
C GLU A 135 -14.53 -24.46 4.02
N ASN A 136 -13.98 -25.66 3.81
CA ASN A 136 -14.23 -26.37 2.56
C ASN A 136 -15.54 -27.14 2.67
N THR A 137 -16.26 -27.25 1.54
CA THR A 137 -17.55 -27.96 1.51
C THR A 137 -17.43 -29.34 0.87
N ASP A 138 -16.26 -29.70 0.39
CA ASP A 138 -16.03 -31.03 -0.16
C ASP A 138 -14.80 -31.55 0.57
N PRO A 139 -14.83 -32.76 1.12
CA PRO A 139 -13.66 -33.26 1.87
C PRO A 139 -12.39 -33.31 1.07
N GLU A 140 -12.47 -33.52 -0.26
CA GLU A 140 -11.24 -33.55 -1.04
C GLU A 140 -10.52 -32.21 -1.04
N CYS A 141 -11.23 -31.15 -0.70
CA CYS A 141 -10.66 -29.81 -0.84
C CYS A 141 -10.30 -29.23 0.53
N TYR A 142 -9.90 -30.10 1.48
CA TYR A 142 -9.48 -29.65 2.81
C TYR A 142 -8.37 -28.61 2.70
N TRP A 143 -7.51 -28.70 1.66
CA TRP A 143 -6.36 -27.84 1.46
C TRP A 143 -6.75 -26.45 0.93
N LEU A 144 -7.98 -26.30 0.46
CA LEU A 144 -8.38 -25.07 -0.22
C LEU A 144 -8.64 -23.94 0.76
N THR A 145 -9.11 -24.26 1.97
CA THR A 145 -9.44 -23.23 2.95
C THR A 145 -8.29 -22.29 3.15
N ASN A 146 -7.09 -22.83 3.36
CA ASN A 146 -5.97 -21.94 3.63
C ASN A 146 -5.19 -21.56 2.40
N TRP A 147 -5.47 -22.19 1.23
CA TRP A 147 -4.93 -21.66 -0.03
C TRP A 147 -5.33 -20.20 -0.19
N ILE A 148 -6.59 -19.88 0.10
CA ILE A 148 -7.13 -18.55 -0.14
C ILE A 148 -6.94 -17.63 1.06
N GLU A 149 -6.13 -18.03 2.04
CA GLU A 149 -5.84 -17.11 3.16
C GLU A 149 -5.21 -15.81 2.64
N THR A 150 -4.26 -15.91 1.73
CA THR A 150 -3.50 -14.73 1.34
C THR A 150 -4.40 -13.70 0.72
N ILE A 151 -5.32 -14.14 -0.14
CA ILE A 151 -6.26 -13.23 -0.83
CA ILE A 151 -6.18 -13.16 -0.80
C ILE A 151 -7.22 -12.62 0.19
N LEU A 152 -7.72 -13.45 1.10
CA LEU A 152 -8.73 -12.97 2.04
C LEU A 152 -8.12 -12.07 3.09
N VAL A 153 -6.89 -12.34 3.53
CA VAL A 153 -6.24 -11.52 4.55
C VAL A 153 -6.00 -10.11 4.06
N GLN A 154 -5.93 -9.89 2.73
CA GLN A 154 -5.79 -8.53 2.23
CA GLN A 154 -5.80 -8.53 2.25
C GLN A 154 -7.01 -7.67 2.58
N SER A 155 -8.10 -8.27 3.08
CA SER A 155 -9.18 -7.45 3.63
CA SER A 155 -9.19 -7.51 3.68
C SER A 155 -8.69 -6.60 4.80
N TRP A 156 -7.52 -6.90 5.38
CA TRP A 156 -6.98 -6.05 6.45
C TRP A 156 -6.96 -4.60 5.99
N TYR A 157 -6.67 -4.37 4.70
CA TYR A 157 -6.47 -3.00 4.23
C TYR A 157 -7.75 -2.19 4.25
N PRO A 158 -8.83 -2.59 3.59
CA PRO A 158 -10.06 -1.78 3.68
C PRO A 158 -10.58 -1.75 5.09
N ILE A 159 -10.42 -2.80 5.90
CA ILE A 159 -10.86 -2.72 7.30
C ILE A 159 -10.10 -1.62 8.00
N THR A 160 -8.79 -1.57 7.81
CA THR A 160 -7.94 -0.64 8.57
C THR A 160 -8.13 0.78 8.09
N VAL A 161 -8.24 0.99 6.76
CA VAL A 161 -8.53 2.34 6.30
C VAL A 161 -9.86 2.81 6.86
N ALA A 162 -10.90 1.96 6.76
CA ALA A 162 -12.24 2.38 7.22
C ALA A 162 -12.22 2.66 8.70
N THR A 163 -11.50 1.85 9.44
CA THR A 163 -11.45 2.02 10.89
C THR A 163 -10.69 3.26 11.29
N ASN A 164 -9.52 3.50 10.69
CA ASN A 164 -8.72 4.67 11.01
C ASN A 164 -9.40 5.96 10.56
N SER A 165 -10.12 5.90 9.45
CA SER A 165 -10.88 7.06 8.99
C SER A 165 -12.01 7.33 9.97
N ARG A 166 -12.68 6.26 10.45
CA ARG A 166 -13.79 6.46 11.42
C ARG A 166 -13.25 7.00 12.74
N GLU A 167 -12.06 6.60 13.18
CA GLU A 167 -11.51 7.12 14.42
C GLU A 167 -11.19 8.60 14.27
N GLN A 168 -10.77 9.02 13.08
CA GLN A 168 -10.55 10.45 12.83
C GLN A 168 -11.89 11.19 12.83
N LYS A 169 -12.94 10.58 12.29
CA LYS A 169 -14.27 11.17 12.35
C LYS A 169 -14.71 11.35 13.80
N LYS A 170 -14.35 10.41 14.67
CA LYS A 170 -14.72 10.53 16.11
C LYS A 170 -14.07 11.79 16.70
N ILE A 171 -12.78 11.99 16.41
CA ILE A 171 -12.04 13.18 16.94
C ILE A 171 -12.69 14.46 16.38
N LEU A 172 -12.98 14.47 15.08
CA LEU A 172 -13.59 15.68 14.44
C LEU A 172 -14.97 15.94 15.05
N ALA A 173 -15.77 14.90 15.25
CA ALA A 173 -17.14 15.06 15.81
C ALA A 173 -17.07 15.64 17.22
N LYS A 174 -16.13 15.15 18.05
CA LYS A 174 -16.00 15.63 19.45
C LYS A 174 -15.63 17.11 19.48
N TYR A 175 -14.69 17.53 18.62
CA TYR A 175 -14.23 18.94 18.61
C TYR A 175 -15.26 19.86 17.92
N LEU A 176 -15.90 19.37 16.85
CA LEU A 176 -16.92 20.18 16.20
C LEU A 176 -18.09 20.38 17.14
N LEU A 177 -18.52 19.32 17.83
CA LEU A 177 -19.64 19.48 18.74
C LEU A 177 -19.29 20.45 19.87
N GLU A 178 -18.11 20.32 20.44
CA GLU A 178 -17.73 21.21 21.53
C GLU A 178 -17.60 22.67 21.10
N THR A 179 -16.90 22.90 19.99
CA THR A 179 -16.70 24.23 19.44
C THR A 179 -17.93 24.91 18.82
N SER A 180 -18.78 24.14 18.15
CA SER A 180 -19.95 24.69 17.48
C SER A 180 -21.34 24.32 18.01
N GLY A 181 -21.44 23.26 18.81
CA GLY A 181 -22.75 22.84 19.33
C GLY A 181 -23.50 21.91 18.38
N ASN A 182 -22.89 21.54 17.25
CA ASN A 182 -23.57 20.64 16.28
C ASN A 182 -22.52 19.91 15.43
N LEU A 183 -22.99 19.02 14.53
CA LEU A 183 -22.11 18.23 13.68
C LEU A 183 -22.24 18.61 12.22
N ASP A 184 -22.82 19.77 11.90
CA ASP A 184 -23.01 20.14 10.51
C ASP A 184 -21.66 20.15 9.79
N GLY A 185 -21.63 19.50 8.64
CA GLY A 185 -20.47 19.45 7.79
C GLY A 185 -19.44 18.39 8.16
N LEU A 186 -19.69 17.60 9.19
CA LEU A 186 -18.74 16.59 9.66
C LEU A 186 -18.29 15.67 8.55
N GLU A 187 -19.20 15.28 7.68
CA GLU A 187 -18.92 14.29 6.65
CA GLU A 187 -18.86 14.26 6.67
C GLU A 187 -18.04 14.84 5.53
N TYR A 188 -17.72 16.13 5.56
CA TYR A 188 -16.81 16.75 4.61
CA TYR A 188 -16.80 16.72 4.59
C TYR A 188 -15.51 17.19 5.23
N LYS A 189 -15.27 16.86 6.50
CA LYS A 189 -14.13 17.47 7.19
C LYS A 189 -12.78 16.75 6.97
N LEU A 190 -12.76 15.54 6.40
CA LEU A 190 -11.53 14.79 6.14
C LEU A 190 -11.62 14.32 4.68
N HIS A 191 -10.85 14.99 3.83
CA HIS A 191 -10.87 14.77 2.40
C HIS A 191 -9.68 13.89 2.00
N ASP A 192 -9.93 12.89 1.15
CA ASP A 192 -8.89 11.97 0.68
C ASP A 192 -8.05 12.65 -0.42
N PHE A 193 -6.77 12.87 -0.11
CA PHE A 193 -5.76 13.37 -1.02
C PHE A 193 -4.74 12.30 -1.40
N GLY A 194 -5.06 11.03 -1.15
CA GLY A 194 -4.04 9.97 -1.18
C GLY A 194 -3.77 9.26 -2.49
N TYR A 195 -4.36 9.66 -3.60
CA TYR A 195 -4.20 8.87 -4.84
C TYR A 195 -2.74 8.72 -5.22
N ARG A 196 -1.96 9.81 -5.19
CA ARG A 196 -0.56 9.70 -5.66
C ARG A 196 0.33 8.97 -4.64
N GLY A 197 -0.13 8.88 -3.38
CA GLY A 197 0.70 8.41 -2.30
C GLY A 197 0.45 6.98 -1.90
N VAL A 198 -0.42 6.26 -2.61
CA VAL A 198 -0.57 4.84 -2.38
C VAL A 198 0.26 4.04 -3.38
N SER A 199 0.30 2.74 -3.19
CA SER A 199 1.27 1.91 -3.89
C SER A 199 0.76 1.40 -5.23
N SER A 200 -0.52 1.53 -5.56
CA SER A 200 -0.99 1.09 -6.87
C SER A 200 -2.35 1.68 -7.17
N GLN A 201 -2.76 1.55 -8.43
CA GLN A 201 -4.11 1.94 -8.83
C GLN A 201 -5.14 1.13 -8.06
N GLU A 202 -4.91 -0.18 -7.92
CA GLU A 202 -5.93 -0.99 -7.27
C GLU A 202 -6.07 -0.58 -5.80
N THR A 203 -4.93 -0.36 -5.12
CA THR A 203 -5.00 0.13 -3.74
C THR A 203 -5.73 1.44 -3.65
N ALA A 204 -5.50 2.34 -4.61
CA ALA A 204 -6.18 3.63 -4.55
C ALA A 204 -7.70 3.44 -4.51
N GLY A 205 -8.24 2.61 -5.39
CA GLY A 205 -9.71 2.42 -5.38
C GLY A 205 -10.21 1.78 -4.09
N ILE A 206 -9.53 0.73 -3.61
CA ILE A 206 -9.95 0.07 -2.38
C ILE A 206 -9.92 1.03 -1.21
N GLY A 207 -8.77 1.70 -1.04
CA GLY A 207 -8.62 2.60 0.09
C GLY A 207 -9.58 3.77 0.04
N ALA A 208 -9.73 4.39 -1.14
CA ALA A 208 -10.65 5.50 -1.24
C ALA A 208 -12.06 5.05 -0.91
N SER A 209 -12.43 3.85 -1.33
CA SER A 209 -13.80 3.39 -1.02
C SER A 209 -13.97 3.19 0.47
N ALA A 210 -12.93 2.71 1.17
CA ALA A 210 -13.04 2.52 2.61
C ALA A 210 -13.18 3.85 3.36
N HIS A 211 -12.49 4.89 2.89
CA HIS A 211 -12.65 6.20 3.53
C HIS A 211 -14.06 6.72 3.33
N LEU A 212 -14.66 6.46 2.17
CA LEU A 212 -16.02 6.91 1.84
C LEU A 212 -17.08 6.23 2.69
N VAL A 213 -16.73 5.16 3.41
CA VAL A 213 -17.66 4.63 4.40
C VAL A 213 -18.03 5.70 5.42
N ASN A 214 -17.08 6.60 5.72
CA ASN A 214 -17.20 7.58 6.82
C ASN A 214 -17.40 9.01 6.35
N PHE A 215 -16.83 9.37 5.20
CA PHE A 215 -16.89 10.75 4.67
C PHE A 215 -17.35 10.76 3.21
N LYS A 216 -17.66 11.95 2.67
CA LYS A 216 -18.14 12.08 1.27
C LYS A 216 -17.15 12.87 0.41
N GLY A 217 -16.04 13.35 0.99
CA GLY A 217 -15.07 14.16 0.22
C GLY A 217 -13.86 13.36 -0.24
N THR A 218 -13.59 13.34 -1.54
CA THR A 218 -12.43 12.60 -2.03
C THR A 218 -11.94 13.17 -3.34
N ASP A 219 -10.61 13.14 -3.53
CA ASP A 219 -10.03 13.36 -4.85
C ASP A 219 -9.51 12.07 -5.47
N THR A 220 -9.68 10.95 -4.75
CA THR A 220 -9.16 9.68 -5.26
C THR A 220 -10.29 9.05 -6.08
N VAL A 221 -10.37 9.53 -7.33
CA VAL A 221 -11.49 9.19 -8.24
C VAL A 221 -11.68 7.68 -8.35
N ALA A 222 -10.60 6.90 -8.28
CA ALA A 222 -10.71 5.44 -8.39
C ALA A 222 -11.72 4.83 -7.42
N GLY A 223 -11.97 5.46 -6.27
CA GLY A 223 -12.90 4.87 -5.32
C GLY A 223 -14.32 4.84 -5.85
N LEU A 224 -14.68 5.78 -6.72
CA LEU A 224 -16.06 5.88 -7.18
C LEU A 224 -16.45 4.66 -8.01
N ALA A 225 -15.60 4.26 -8.95
CA ALA A 225 -15.96 3.17 -9.84
C ALA A 225 -16.00 1.86 -9.07
N LEU A 226 -15.13 1.72 -8.06
CA LEU A 226 -15.12 0.46 -7.28
C LEU A 226 -16.46 0.31 -6.53
N ILE A 227 -16.91 1.39 -5.88
CA ILE A 227 -18.19 1.34 -5.10
C ILE A 227 -19.37 1.04 -6.03
N LYS A 228 -19.41 1.68 -7.20
CA LYS A 228 -20.55 1.47 -8.14
C LYS A 228 -20.57 0.00 -8.61
N LYS A 229 -19.40 -0.54 -8.97
CA LYS A 229 -19.28 -1.93 -9.48
C LYS A 229 -19.56 -3.01 -8.44
N TYR A 230 -19.08 -2.85 -7.21
CA TYR A 230 -19.19 -3.97 -6.22
C TYR A 230 -20.15 -3.70 -5.06
N TYR A 231 -20.61 -2.48 -4.85
CA TYR A 231 -21.48 -2.22 -3.71
C TYR A 231 -22.78 -1.53 -4.08
N GLY A 232 -22.68 -0.37 -4.70
CA GLY A 232 -23.85 0.37 -5.18
C GLY A 232 -24.36 1.43 -4.22
N THR A 233 -24.75 2.59 -4.74
CA THR A 233 -25.39 3.63 -3.95
C THR A 233 -26.65 4.11 -4.66
N LYS A 234 -27.63 4.56 -3.87
CA LYS A 234 -28.81 5.21 -4.45
C LYS A 234 -28.43 6.51 -5.15
N ASP A 235 -27.51 7.27 -4.58
CA ASP A 235 -27.10 8.50 -5.25
C ASP A 235 -26.19 8.19 -6.45
N PRO A 236 -26.10 9.10 -7.43
CA PRO A 236 -25.23 8.82 -8.60
C PRO A 236 -23.80 8.54 -8.22
N VAL A 237 -23.23 9.32 -7.31
CA VAL A 237 -21.86 9.07 -6.84
C VAL A 237 -21.75 9.03 -5.33
N PRO A 238 -20.80 8.29 -4.77
CA PRO A 238 -20.63 8.27 -3.31
C PRO A 238 -19.72 9.36 -2.76
N GLY A 239 -18.99 10.09 -3.60
CA GLY A 239 -18.08 11.09 -3.09
C GLY A 239 -17.96 12.24 -4.05
N TYR A 240 -17.53 13.39 -3.50
CA TYR A 240 -17.58 14.66 -4.19
C TYR A 240 -16.30 15.44 -3.99
N SER A 241 -16.06 16.40 -4.88
CA SER A 241 -14.91 17.27 -4.73
C SER A 241 -15.28 18.68 -5.20
N VAL A 242 -14.30 19.58 -5.11
CA VAL A 242 -14.42 20.99 -5.50
C VAL A 242 -13.20 21.37 -6.31
N PRO A 243 -13.31 22.41 -7.14
CA PRO A 243 -12.12 22.90 -7.85
C PRO A 243 -11.05 23.33 -6.86
N ALA A 244 -9.79 23.11 -7.24
CA ALA A 244 -8.70 23.42 -6.35
C ALA A 244 -7.42 23.61 -7.17
N ALA A 245 -6.57 24.53 -6.71
CA ALA A 245 -5.30 24.74 -7.37
C ALA A 245 -4.25 23.73 -6.86
N GLU A 246 -3.17 23.60 -7.61
CA GLU A 246 -1.94 22.94 -7.15
C GLU A 246 -0.77 23.88 -7.39
N HIS A 247 0.43 23.49 -6.94
CA HIS A 247 1.53 24.43 -7.11
C HIS A 247 1.80 24.71 -8.58
N SER A 248 1.61 23.75 -9.49
CA SER A 248 1.87 24.08 -10.90
C SER A 248 0.98 25.19 -11.41
N THR A 249 -0.30 25.23 -11.01
CA THR A 249 -1.17 26.26 -11.59
C THR A 249 -0.96 27.62 -10.96
N ILE A 250 -0.28 27.70 -9.82
CA ILE A 250 0.11 28.99 -9.28
C ILE A 250 1.45 29.42 -9.82
N THR A 251 2.45 28.51 -9.67
CA THR A 251 3.83 28.88 -9.99
C THR A 251 4.05 29.07 -11.49
N ALA A 252 3.21 28.46 -12.33
CA ALA A 252 3.31 28.69 -13.76
C ALA A 252 3.19 30.15 -14.17
N TRP A 253 2.56 30.99 -13.34
CA TRP A 253 2.41 32.42 -13.63
C TRP A 253 3.68 33.20 -13.42
N GLY A 254 4.68 32.59 -12.78
CA GLY A 254 5.93 33.26 -12.38
C GLY A 254 5.81 33.81 -10.97
N LYS A 255 6.95 33.83 -10.25
CA LYS A 255 6.96 34.25 -8.85
C LYS A 255 6.32 35.63 -8.64
N ASP A 256 6.62 36.59 -9.52
CA ASP A 256 6.08 37.92 -9.26
C ASP A 256 4.59 38.04 -9.58
N HIS A 257 3.95 36.97 -10.03
CA HIS A 257 2.56 37.03 -10.48
C HIS A 257 1.64 36.09 -9.71
N GLU A 258 2.03 35.76 -8.49
CA GLU A 258 1.14 34.94 -7.65
C GLU A 258 -0.23 35.57 -7.49
N LYS A 259 -0.28 36.90 -7.28
CA LYS A 259 -1.58 37.58 -7.19
C LYS A 259 -2.41 37.38 -8.45
N ASP A 260 -1.79 37.46 -9.64
CA ASP A 260 -2.53 37.26 -10.87
C ASP A 260 -3.09 35.84 -10.95
N ALA A 261 -2.29 34.84 -10.50
CA ALA A 261 -2.80 33.47 -10.49
C ALA A 261 -4.03 33.35 -9.58
N PHE A 262 -3.93 33.86 -8.35
CA PHE A 262 -5.04 33.78 -7.41
C PHE A 262 -6.28 34.46 -8.00
N GLU A 263 -6.09 35.65 -8.57
CA GLU A 263 -7.23 36.37 -9.12
C GLU A 263 -7.90 35.59 -10.24
N HIS A 264 -7.09 35.04 -11.16
CA HIS A 264 -7.63 34.27 -12.27
C HIS A 264 -8.42 33.08 -11.75
N ILE A 265 -7.85 32.37 -10.77
CA ILE A 265 -8.48 31.13 -10.33
C ILE A 265 -9.78 31.39 -9.59
N VAL A 266 -9.81 32.40 -8.70
CA VAL A 266 -11.08 32.61 -7.97
C VAL A 266 -12.15 33.19 -8.90
N THR A 267 -11.74 33.90 -9.95
CA THR A 267 -12.70 34.41 -10.91
C THR A 267 -13.21 33.31 -11.83
N GLN A 268 -12.35 32.35 -12.20
CA GLN A 268 -12.82 31.20 -12.98
CA GLN A 268 -12.82 31.20 -12.98
C GLN A 268 -13.82 30.36 -12.20
N PHE A 269 -13.67 30.27 -10.88
CA PHE A 269 -14.54 29.45 -10.07
C PHE A 269 -15.25 30.36 -9.08
N SER A 270 -16.04 31.31 -9.60
CA SER A 270 -16.62 32.33 -8.72
C SER A 270 -17.88 31.87 -8.02
N SER A 271 -18.52 30.80 -8.48
CA SER A 271 -19.83 30.42 -7.95
C SER A 271 -19.84 29.03 -7.32
N VAL A 272 -18.68 28.40 -7.14
CA VAL A 272 -18.54 27.14 -6.43
C VAL A 272 -17.41 27.33 -5.41
N PRO A 273 -17.31 26.47 -4.40
CA PRO A 273 -16.15 26.59 -3.49
C PRO A 273 -14.88 26.35 -4.30
N VAL A 274 -13.82 27.06 -3.93
CA VAL A 274 -12.54 26.88 -4.60
C VAL A 274 -11.43 26.89 -3.56
N SER A 275 -10.60 25.86 -3.62
CA SER A 275 -9.44 25.73 -2.73
C SER A 275 -8.21 26.25 -3.47
N VAL A 276 -7.45 27.13 -2.83
CA VAL A 276 -6.29 27.74 -3.48
C VAL A 276 -5.05 27.57 -2.63
N VAL A 277 -4.13 26.69 -3.06
CA VAL A 277 -2.88 26.50 -2.31
C VAL A 277 -2.11 27.82 -2.26
N SER A 278 -1.67 28.19 -1.07
CA SER A 278 -1.29 29.57 -0.84
C SER A 278 0.13 29.70 -0.32
N ASP A 279 0.89 28.60 -0.30
CA ASP A 279 2.22 28.58 0.30
C ASP A 279 3.36 28.48 -0.71
N SER A 280 3.10 28.72 -2.01
CA SER A 280 4.15 28.54 -3.02
C SER A 280 5.42 29.27 -2.63
N TYR A 281 5.29 30.48 -2.09
CA TYR A 281 6.43 31.32 -1.75
C TYR A 281 6.41 31.78 -0.31
N ASP A 282 5.26 32.31 0.15
CA ASP A 282 5.17 32.77 1.54
C ASP A 282 3.70 32.79 1.92
N ILE A 283 3.27 31.71 2.58
CA ILE A 283 1.84 31.52 3.00
C ILE A 283 1.35 32.72 3.81
N TYR A 284 2.15 33.21 4.75
CA TYR A 284 1.75 34.34 5.63
C TYR A 284 1.56 35.61 4.79
N ASN A 285 2.48 35.86 3.85
CA ASN A 285 2.36 37.05 2.97
C ASN A 285 1.09 36.92 2.12
N ALA A 286 0.84 35.71 1.60
CA ALA A 286 -0.33 35.49 0.73
C ALA A 286 -1.63 35.76 1.51
N CYS A 287 -1.75 35.24 2.73
CA CYS A 287 -2.99 35.46 3.53
C CYS A 287 -3.14 36.92 3.94
N GLU A 288 -2.12 37.49 4.58
CA GLU A 288 -2.17 38.88 5.02
C GLU A 288 -2.23 39.94 3.92
N LYS A 289 -1.42 39.79 2.87
CA LYS A 289 -1.40 40.80 1.82
C LYS A 289 -2.17 40.49 0.53
N ILE A 290 -1.93 39.34 -0.10
CA ILE A 290 -2.65 39.03 -1.33
C ILE A 290 -4.15 38.77 -1.13
N TRP A 291 -4.47 37.89 -0.18
CA TRP A 291 -5.89 37.60 0.16
C TRP A 291 -6.45 38.72 1.05
N GLY A 292 -5.65 39.14 2.02
CA GLY A 292 -6.00 40.14 3.05
C GLY A 292 -6.26 41.53 2.51
N GLU A 293 -5.49 41.97 1.50
CA GLU A 293 -5.68 43.36 1.01
C GLU A 293 -5.88 43.42 -0.51
N ASP A 294 -4.92 42.91 -1.28
CA ASP A 294 -4.97 43.05 -2.76
C ASP A 294 -6.21 42.41 -3.38
N LEU A 295 -6.58 41.20 -2.94
CA LEU A 295 -7.74 40.48 -3.55
C LEU A 295 -8.90 40.36 -2.58
N ARG A 296 -8.93 41.18 -1.52
CA ARG A 296 -9.99 41.09 -0.49
C ARG A 296 -11.36 41.33 -1.13
N HIS A 297 -11.46 42.28 -2.06
CA HIS A 297 -12.75 42.61 -2.75
C HIS A 297 -13.32 41.37 -3.47
N LEU A 298 -12.48 40.44 -3.91
CA LEU A 298 -12.96 39.25 -4.61
C LEU A 298 -13.34 38.14 -3.66
N ILE A 299 -13.01 38.27 -2.39
CA ILE A 299 -13.33 37.27 -1.39
C ILE A 299 -14.61 37.62 -0.66
N VAL A 300 -14.74 38.88 -0.22
CA VAL A 300 -15.89 39.26 0.60
C VAL A 300 -17.19 39.33 -0.19
N SER A 301 -17.12 39.24 -1.51
CA SER A 301 -18.27 39.17 -2.39
C SER A 301 -18.78 37.76 -2.61
N ARG A 302 -18.10 36.73 -2.09
CA ARG A 302 -18.49 35.38 -2.46
C ARG A 302 -19.65 34.87 -1.61
N SER A 303 -20.37 33.92 -2.17
CA SER A 303 -21.51 33.30 -1.49
CA SER A 303 -21.51 33.25 -1.54
C SER A 303 -21.06 32.32 -0.42
N THR A 304 -21.95 32.09 0.55
CA THR A 304 -21.70 31.10 1.59
C THR A 304 -21.63 29.69 1.00
N GLN A 305 -22.26 29.45 -0.14
CA GLN A 305 -22.17 28.17 -0.82
C GLN A 305 -20.93 28.08 -1.69
N ALA A 306 -20.12 29.14 -1.75
CA ALA A 306 -18.96 29.16 -2.66
C ALA A 306 -17.77 29.88 -2.02
N PRO A 307 -17.34 29.46 -0.84
CA PRO A 307 -16.26 30.18 -0.17
C PRO A 307 -14.93 29.99 -0.91
N LEU A 308 -14.01 30.90 -0.62
CA LEU A 308 -12.60 30.65 -0.86
C LEU A 308 -12.08 29.78 0.28
N ILE A 309 -11.35 28.70 -0.08
CA ILE A 309 -10.75 27.84 0.93
C ILE A 309 -9.25 28.00 0.78
N ILE A 310 -8.63 28.68 1.71
CA ILE A 310 -7.17 28.90 1.67
C ILE A 310 -6.48 27.63 2.14
N ARG A 311 -5.46 27.20 1.39
CA ARG A 311 -4.78 25.94 1.70
CA ARG A 311 -4.79 25.94 1.69
C ARG A 311 -3.29 26.15 1.94
N PRO A 312 -2.86 26.16 3.19
CA PRO A 312 -1.42 26.03 3.48
C PRO A 312 -1.00 24.61 3.13
N ASP A 313 0.29 24.41 2.90
CA ASP A 313 0.74 23.08 2.51
C ASP A 313 2.17 22.79 2.99
N SER A 314 2.65 23.46 4.01
CA SER A 314 4.03 23.29 4.45
C SER A 314 4.18 23.95 5.81
N GLY A 315 5.28 23.60 6.49
CA GLY A 315 5.54 24.08 7.84
C GLY A 315 4.96 23.15 8.87
N ASN A 316 5.17 23.49 10.13
CA ASN A 316 4.55 22.68 11.18
C ASN A 316 3.03 22.76 11.04
N PRO A 317 2.30 21.65 10.96
CA PRO A 317 0.85 21.75 10.64
C PRO A 317 0.07 22.55 11.65
N LEU A 318 0.32 22.34 12.94
CA LEU A 318 -0.42 23.09 13.95
C LEU A 318 -0.03 24.56 13.93
N ASP A 319 1.28 24.85 13.98
CA ASP A 319 1.69 26.25 14.04
C ASP A 319 1.19 27.02 12.83
N THR A 320 1.23 26.40 11.65
CA THR A 320 0.83 27.08 10.43
C THR A 320 -0.67 27.35 10.42
N VAL A 321 -1.49 26.37 10.83
CA VAL A 321 -2.94 26.62 10.92
C VAL A 321 -3.22 27.78 11.86
N LEU A 322 -2.62 27.77 13.06
CA LEU A 322 -2.91 28.82 14.03
C LEU A 322 -2.49 30.19 13.50
N LYS A 323 -1.34 30.26 12.82
CA LYS A 323 -0.87 31.57 12.34
C LYS A 323 -1.73 32.05 11.17
N VAL A 324 -2.12 31.14 10.27
CA VAL A 324 -3.04 31.51 9.20
C VAL A 324 -4.34 32.04 9.78
N LEU A 325 -4.91 31.34 10.78
CA LEU A 325 -6.15 31.82 11.36
C LEU A 325 -5.97 33.18 12.01
N GLU A 326 -4.86 33.37 12.72
CA GLU A 326 -4.63 34.68 13.34
C GLU A 326 -4.56 35.80 12.29
N ILE A 327 -3.87 35.56 11.19
CA ILE A 327 -3.77 36.56 10.13
C ILE A 327 -5.13 36.87 9.55
N LEU A 328 -5.88 35.82 9.18
CA LEU A 328 -7.18 36.01 8.57
C LEU A 328 -8.14 36.71 9.54
N GLY A 329 -8.05 36.38 10.83
CA GLY A 329 -8.94 37.02 11.80
C GLY A 329 -8.69 38.50 11.96
N LYS A 330 -7.51 38.95 11.58
CA LYS A 330 -7.21 40.39 11.64
C LYS A 330 -7.55 41.11 10.35
N LYS A 331 -7.65 40.38 9.24
CA LYS A 331 -7.99 41.02 7.97
C LYS A 331 -9.45 40.84 7.53
N PHE A 332 -10.20 39.99 8.23
CA PHE A 332 -11.58 39.73 7.88
C PHE A 332 -12.48 39.79 9.11
N PRO A 333 -13.77 40.11 8.90
CA PRO A 333 -14.64 40.18 10.07
C PRO A 333 -14.77 38.81 10.70
N VAL A 334 -14.64 38.77 12.02
CA VAL A 334 -14.72 37.53 12.78
C VAL A 334 -15.87 37.65 13.77
N THR A 335 -16.65 36.58 13.87
CA THR A 335 -17.77 36.55 14.80
C THR A 335 -17.50 35.51 15.87
N GLU A 336 -18.20 35.62 16.98
CA GLU A 336 -18.08 34.65 18.05
C GLU A 336 -19.37 33.86 18.10
N ASN A 337 -19.28 32.54 17.94
CA ASN A 337 -20.48 31.74 17.90
C ASN A 337 -21.06 31.55 19.31
N SER A 338 -22.13 30.76 19.38
CA SER A 338 -22.83 30.66 20.65
C SER A 338 -22.07 29.88 21.71
N LYS A 339 -21.02 29.16 21.32
CA LYS A 339 -20.19 28.45 22.28
C LYS A 339 -18.98 29.26 22.70
N GLY A 340 -18.84 30.48 22.15
CA GLY A 340 -17.75 31.37 22.49
C GLY A 340 -16.52 31.22 21.61
N TYR A 341 -16.62 30.51 20.50
CA TYR A 341 -15.48 30.27 19.62
C TYR A 341 -15.53 31.18 18.39
N LYS A 342 -14.34 31.54 17.90
CA LYS A 342 -14.22 32.47 16.77
C LYS A 342 -14.56 31.78 15.45
N LEU A 343 -15.22 32.52 14.58
CA LEU A 343 -15.72 32.00 13.32
C LEU A 343 -15.41 33.00 12.21
N LEU A 344 -14.64 32.57 11.20
CA LEU A 344 -14.42 33.41 10.03
C LEU A 344 -15.74 33.66 9.33
N PRO A 345 -15.81 34.68 8.47
CA PRO A 345 -17.03 34.90 7.69
C PRO A 345 -17.29 33.73 6.76
N PRO A 346 -18.53 33.53 6.36
CA PRO A 346 -18.86 32.28 5.65
C PRO A 346 -18.26 32.14 4.27
N TYR A 347 -17.75 33.21 3.70
CA TYR A 347 -17.12 33.13 2.38
C TYR A 347 -15.65 32.71 2.47
N LEU A 348 -15.13 32.40 3.66
CA LEU A 348 -13.69 32.14 3.84
C LEU A 348 -13.48 30.98 4.80
N ARG A 349 -12.71 29.99 4.33
CA ARG A 349 -12.44 28.81 5.13
C ARG A 349 -11.01 28.38 4.88
N VAL A 350 -10.54 27.38 5.65
CA VAL A 350 -9.14 26.91 5.55
C VAL A 350 -9.16 25.40 5.40
N ILE A 351 -8.23 24.86 4.58
CA ILE A 351 -8.01 23.41 4.56
C ILE A 351 -6.54 23.16 4.82
N GLN A 352 -6.26 22.32 5.82
CA GLN A 352 -4.89 21.88 6.08
CA GLN A 352 -4.89 21.88 6.07
C GLN A 352 -4.76 20.50 5.45
N GLY A 353 -3.95 20.41 4.37
CA GLY A 353 -3.81 19.14 3.69
C GLY A 353 -2.39 18.66 3.58
N ASP A 354 -1.53 19.10 4.48
CA ASP A 354 -0.15 18.62 4.58
C ASP A 354 0.11 18.07 5.98
N GLY A 355 0.77 16.91 6.04
CA GLY A 355 1.18 16.35 7.32
C GLY A 355 0.06 15.82 8.19
N VAL A 356 -1.11 15.55 7.63
CA VAL A 356 -2.26 15.12 8.43
C VAL A 356 -2.30 13.61 8.54
N ASP A 357 -2.28 13.16 9.77
CA ASP A 357 -2.61 11.75 10.10
C ASP A 357 -3.43 11.81 11.38
N ILE A 358 -3.85 10.67 11.93
CA ILE A 358 -4.77 10.72 13.08
C ILE A 358 -4.14 11.46 14.27
N ASN A 359 -2.82 11.36 14.43
CA ASN A 359 -2.17 12.02 15.55
C ASN A 359 -2.11 13.52 15.35
N THR A 360 -1.74 13.98 14.15
CA THR A 360 -1.63 15.42 13.97
C THR A 360 -3.01 16.07 13.84
N LEU A 361 -4.00 15.33 13.36
CA LEU A 361 -5.38 15.83 13.33
C LEU A 361 -5.83 16.18 14.74
N GLN A 362 -5.61 15.27 15.69
CA GLN A 362 -5.92 15.54 17.10
C GLN A 362 -5.15 16.75 17.63
N GLU A 363 -3.87 16.84 17.30
CA GLU A 363 -3.07 17.98 17.76
C GLU A 363 -3.62 19.29 17.23
N ILE A 364 -4.02 19.30 15.98
CA ILE A 364 -4.48 20.56 15.38
C ILE A 364 -5.81 20.99 15.98
N VAL A 365 -6.77 20.08 16.06
CA VAL A 365 -8.08 20.52 16.57
C VAL A 365 -8.00 20.92 18.04
N GLU A 366 -7.14 20.25 18.81
CA GLU A 366 -6.96 20.66 20.21
C GLU A 366 -6.28 22.01 20.30
N GLY A 367 -5.29 22.27 19.45
CA GLY A 367 -4.63 23.57 19.46
C GLY A 367 -5.58 24.68 19.05
N MET A 368 -6.42 24.42 18.06
CA MET A 368 -7.46 25.38 17.68
C MET A 368 -8.41 25.66 18.83
N LYS A 369 -8.90 24.61 19.50
CA LYS A 369 -9.79 24.79 20.64
C LYS A 369 -9.13 25.67 21.72
N GLN A 370 -7.85 25.43 22.01
CA GLN A 370 -7.15 26.22 23.05
C GLN A 370 -7.04 27.68 22.66
N LYS A 371 -6.94 27.98 21.38
CA LYS A 371 -6.89 29.35 20.88
C LYS A 371 -8.26 29.88 20.50
N MET A 372 -9.32 29.19 20.91
CA MET A 372 -10.70 29.66 20.77
C MET A 372 -11.14 29.78 19.34
N TRP A 373 -10.65 28.92 18.43
CA TRP A 373 -11.11 28.89 17.06
C TRP A 373 -12.05 27.72 16.86
N SER A 374 -13.19 27.97 16.24
CA SER A 374 -14.15 26.89 16.00
C SER A 374 -13.61 25.92 14.95
N ILE A 375 -13.93 24.64 15.12
CA ILE A 375 -13.57 23.68 14.09
C ILE A 375 -14.41 23.88 12.84
N GLU A 376 -15.49 24.71 12.89
CA GLU A 376 -16.20 25.03 11.67
C GLU A 376 -15.32 25.70 10.63
N ASN A 377 -14.24 26.36 11.08
CA ASN A 377 -13.35 27.11 10.18
C ASN A 377 -12.51 26.23 9.27
N ILE A 378 -12.32 24.97 9.62
CA ILE A 378 -11.25 24.17 9.01
C ILE A 378 -11.78 22.86 8.48
N ALA A 379 -11.11 22.37 7.44
CA ALA A 379 -11.24 20.98 7.02
C ALA A 379 -9.83 20.47 6.81
N PHE A 380 -9.75 19.14 6.67
CA PHE A 380 -8.45 18.49 6.54
C PHE A 380 -8.38 17.67 5.27
N GLY A 381 -7.22 17.70 4.62
CA GLY A 381 -6.92 16.74 3.55
C GLY A 381 -5.82 15.81 4.06
N SER A 382 -5.94 14.52 3.75
CA SER A 382 -4.92 13.55 4.19
C SER A 382 -4.71 12.58 3.06
N GLY A 383 -3.43 12.29 2.78
CA GLY A 383 -3.04 11.47 1.63
C GLY A 383 -2.39 10.19 2.14
N GLY A 384 -1.08 10.23 2.26
CA GLY A 384 -0.36 9.05 2.75
C GLY A 384 -0.81 8.65 4.13
N GLY A 385 -1.14 9.60 4.99
CA GLY A 385 -1.60 9.25 6.32
C GLY A 385 -2.91 8.50 6.33
N LEU A 386 -3.76 8.78 5.34
CA LEU A 386 -5.10 8.21 5.29
C LEU A 386 -5.09 6.83 4.63
N LEU A 387 -4.29 6.67 3.56
CA LEU A 387 -4.42 5.49 2.73
C LEU A 387 -3.16 4.63 2.66
N GLN A 388 -2.00 5.13 3.06
CA GLN A 388 -0.75 4.37 2.85
C GLN A 388 -0.03 4.02 4.14
N LYS A 389 -0.03 4.91 5.13
CA LYS A 389 0.74 4.72 6.37
C LYS A 389 -0.05 3.88 7.37
N LEU A 390 -0.30 2.64 6.94
CA LEU A 390 -1.08 1.66 7.69
C LEU A 390 -0.56 0.27 7.34
N THR A 391 -0.58 -0.65 8.31
CA THR A 391 -0.11 -2.01 8.09
C THR A 391 -1.07 -2.96 8.76
N ARG A 392 -0.95 -4.23 8.39
CA ARG A 392 -1.82 -5.31 8.92
C ARG A 392 -1.61 -5.43 10.44
N ASP A 393 -0.44 -4.98 10.92
CA ASP A 393 -0.07 -5.04 12.36
C ASP A 393 -0.87 -4.05 13.22
N LEU A 394 -1.41 -2.99 12.63
CA LEU A 394 -2.11 -1.93 13.41
C LEU A 394 -3.32 -2.52 14.16
N LEU A 395 -4.11 -3.38 13.51
CA LEU A 395 -5.29 -3.99 14.18
C LEU A 395 -5.03 -5.48 14.39
N ASN A 396 -3.78 -5.91 14.22
CA ASN A 396 -3.43 -7.32 14.34
C ASN A 396 -4.37 -8.23 13.56
N CYS A 397 -4.61 -7.90 12.30
CA CYS A 397 -5.50 -8.72 11.50
C CYS A 397 -4.83 -10.07 11.29
N SER A 398 -5.55 -11.15 11.55
CA SER A 398 -4.98 -12.48 11.42
C SER A 398 -5.96 -13.54 10.95
N PHE A 399 -5.45 -14.53 10.22
CA PHE A 399 -6.25 -15.63 9.71
C PHE A 399 -5.63 -16.91 10.26
N LYS A 400 -6.41 -17.72 10.97
CA LYS A 400 -5.89 -18.96 11.55
C LYS A 400 -6.89 -20.12 11.52
N CYS A 401 -6.37 -21.34 11.44
CA CYS A 401 -7.23 -22.52 11.51
C CYS A 401 -7.60 -22.76 12.98
N SER A 402 -8.91 -22.97 13.24
CA SER A 402 -9.35 -23.27 14.59
C SER A 402 -10.02 -24.64 14.71
N TYR A 403 -10.30 -25.34 13.60
CA TYR A 403 -11.03 -26.59 13.70
C TYR A 403 -10.69 -27.43 12.49
N VAL A 404 -10.46 -28.72 12.71
CA VAL A 404 -10.28 -29.67 11.62
C VAL A 404 -11.08 -30.93 11.94
N VAL A 405 -11.43 -31.66 10.88
CA VAL A 405 -11.99 -33.00 11.05
C VAL A 405 -11.01 -34.00 10.45
N THR A 406 -10.55 -34.95 11.28
CA THR A 406 -9.57 -35.94 10.85
C THR A 406 -10.09 -37.29 11.32
N ASN A 407 -10.14 -38.26 10.40
CA ASN A 407 -10.74 -39.58 10.69
C ASN A 407 -12.14 -39.43 11.23
N GLY A 408 -12.89 -38.48 10.67
CA GLY A 408 -14.26 -38.25 11.04
C GLY A 408 -14.50 -37.60 12.37
N LEU A 409 -13.46 -37.23 13.11
CA LEU A 409 -13.61 -36.58 14.40
C LEU A 409 -13.14 -35.13 14.35
N GLY A 410 -13.97 -34.23 14.86
CA GLY A 410 -13.60 -32.83 14.91
C GLY A 410 -12.65 -32.59 16.08
N ILE A 411 -11.60 -31.79 15.83
CA ILE A 411 -10.70 -31.39 16.91
C ILE A 411 -10.51 -29.88 16.89
N ASN A 412 -10.38 -29.30 18.08
CA ASN A 412 -10.17 -27.87 18.19
C ASN A 412 -8.68 -27.62 18.07
N VAL A 413 -8.30 -26.75 17.15
CA VAL A 413 -6.90 -26.44 16.91
C VAL A 413 -6.58 -24.98 17.16
N PHE A 414 -5.39 -24.73 17.73
CA PHE A 414 -4.97 -23.38 18.05
C PHE A 414 -3.46 -23.28 18.17
N LYS A 415 -2.96 -22.05 18.15
CA LYS A 415 -1.54 -21.78 18.31
C LYS A 415 -1.40 -20.99 19.61
N ASP A 416 -0.44 -21.36 20.44
CA ASP A 416 -0.24 -20.65 21.74
C ASP A 416 1.25 -20.42 21.95
N PRO A 417 1.92 -19.49 21.23
CA PRO A 417 3.37 -19.30 21.38
C PRO A 417 3.70 -18.89 22.83
N VAL A 418 4.72 -19.53 23.41
CA VAL A 418 5.14 -19.25 24.81
C VAL A 418 5.62 -17.81 24.94
N ALA A 419 6.37 -17.32 23.97
CA ALA A 419 6.92 -15.94 23.96
C ALA A 419 5.84 -14.87 23.87
N ASP A 420 4.78 -15.11 23.08
CA ASP A 420 3.74 -14.06 22.91
C ASP A 420 2.33 -14.59 23.22
N PRO A 421 1.71 -14.19 24.35
CA PRO A 421 0.33 -14.59 24.71
C PRO A 421 -0.70 -13.97 23.75
N ASN A 422 -0.37 -12.80 23.20
CA ASN A 422 -1.23 -12.03 22.26
C ASN A 422 -1.49 -12.81 20.96
N LYS A 423 -0.55 -13.66 20.54
CA LYS A 423 -0.68 -14.47 19.30
C LYS A 423 -1.52 -15.73 19.51
N ARG A 424 -1.97 -16.00 20.74
CA ARG A 424 -2.81 -17.22 20.99
C ARG A 424 -4.07 -17.09 20.13
N SER A 425 -4.47 -18.18 19.47
CA SER A 425 -5.67 -18.16 18.59
C SER A 425 -6.86 -18.85 19.25
N LYS A 426 -8.05 -18.69 18.67
CA LYS A 426 -9.30 -19.25 19.21
C LYS A 426 -9.41 -20.72 18.84
N LYS A 427 -10.26 -21.45 19.56
CA LYS A 427 -10.35 -22.90 19.44
C LYS A 427 -11.73 -23.31 18.94
N GLY A 428 -11.75 -24.22 17.95
CA GLY A 428 -13.01 -24.81 17.54
C GLY A 428 -13.89 -23.98 16.63
N ARG A 429 -15.12 -24.46 16.45
CA ARG A 429 -16.09 -23.76 15.65
C ARG A 429 -16.57 -22.51 16.37
N LEU A 430 -16.65 -21.40 15.62
CA LEU A 430 -16.85 -20.08 16.21
C LEU A 430 -18.19 -19.50 15.77
N SER A 431 -18.71 -18.58 16.59
CA SER A 431 -19.88 -17.81 16.21
C SER A 431 -19.87 -16.49 16.99
N LEU A 432 -20.53 -15.50 16.45
CA LEU A 432 -20.50 -14.14 17.00
C LEU A 432 -21.90 -13.80 17.47
N HIS A 433 -22.00 -13.22 18.67
CA HIS A 433 -23.32 -12.98 19.28
C HIS A 433 -23.35 -11.64 19.99
N ARG A 434 -24.55 -11.10 20.10
CA ARG A 434 -24.77 -10.00 21.04
C ARG A 434 -24.87 -10.55 22.44
N THR A 435 -24.31 -9.78 23.41
CA THR A 435 -24.39 -10.17 24.83
C THR A 435 -25.66 -9.59 25.43
N PRO A 436 -26.07 -10.04 26.62
CA PRO A 436 -27.29 -9.46 27.22
C PRO A 436 -27.19 -7.97 27.41
N ALA A 437 -25.99 -7.41 27.64
CA ALA A 437 -25.78 -5.97 27.76
C ALA A 437 -25.62 -5.26 26.43
N GLY A 438 -25.72 -5.98 25.31
CA GLY A 438 -25.66 -5.35 24.01
C GLY A 438 -24.28 -5.26 23.41
N ASN A 439 -23.30 -5.93 24.00
CA ASN A 439 -21.95 -5.96 23.47
C ASN A 439 -21.81 -7.17 22.55
N PHE A 440 -20.57 -7.58 22.28
CA PHE A 440 -20.34 -8.73 21.42
C PHE A 440 -19.50 -9.76 22.15
N VAL A 441 -19.72 -11.02 21.77
CA VAL A 441 -18.91 -12.15 22.26
C VAL A 441 -18.71 -13.14 21.12
N THR A 442 -17.50 -13.71 21.06
CA THR A 442 -17.21 -14.81 20.14
C THR A 442 -17.23 -16.08 20.99
N LEU A 443 -18.17 -16.99 20.66
CA LEU A 443 -18.22 -18.30 21.31
C LEU A 443 -17.34 -19.31 20.58
N GLU A 444 -16.53 -20.04 21.33
CA GLU A 444 -15.56 -21.00 20.84
C GLU A 444 -16.09 -22.43 21.05
N GLU A 445 -15.41 -23.38 20.44
CA GLU A 445 -15.64 -24.81 20.70
C GLU A 445 -17.06 -25.22 20.36
N GLY A 446 -17.70 -24.54 19.42
CA GLY A 446 -19.03 -24.83 18.98
C GLY A 446 -20.10 -24.50 19.98
N LYS A 447 -19.77 -23.73 21.01
CA LYS A 447 -20.76 -23.42 22.06
C LYS A 447 -21.93 -22.60 21.55
N GLY A 448 -21.82 -21.96 20.39
CA GLY A 448 -22.98 -21.29 19.85
C GLY A 448 -24.13 -22.24 19.60
N ASP A 449 -23.84 -23.54 19.43
CA ASP A 449 -24.88 -24.53 19.18
C ASP A 449 -25.81 -24.70 20.37
N LEU A 450 -25.36 -24.33 21.56
CA LEU A 450 -26.19 -24.41 22.76
C LEU A 450 -27.29 -23.36 22.77
N GLU A 451 -27.21 -22.33 21.92
CA GLU A 451 -28.31 -21.38 21.74
C GLU A 451 -28.61 -20.58 23.00
N GLU A 452 -27.58 -20.30 23.80
CA GLU A 452 -27.76 -19.50 24.99
C GLU A 452 -27.65 -18.00 24.71
N TYR A 453 -27.29 -17.62 23.49
CA TYR A 453 -26.92 -16.24 23.20
C TYR A 453 -27.53 -15.69 21.93
N GLY A 454 -28.69 -16.16 21.53
CA GLY A 454 -29.34 -15.52 20.38
C GLY A 454 -28.56 -15.80 19.10
N GLN A 455 -29.02 -15.20 18.02
CA GLN A 455 -28.60 -15.67 16.70
C GLN A 455 -27.13 -15.35 16.43
N ASP A 456 -26.47 -16.26 15.72
CA ASP A 456 -25.13 -15.98 15.21
C ASP A 456 -25.23 -14.78 14.25
N LEU A 457 -24.32 -13.83 14.41
CA LEU A 457 -24.29 -12.68 13.52
C LEU A 457 -23.49 -12.91 12.25
N LEU A 458 -22.77 -14.04 12.15
CA LEU A 458 -22.13 -14.37 10.88
C LEU A 458 -23.18 -14.90 9.93
N HIS A 459 -23.17 -14.43 8.68
CA HIS A 459 -24.08 -14.90 7.65
C HIS A 459 -23.26 -15.48 6.51
N THR A 460 -23.77 -16.53 5.86
CA THR A 460 -23.10 -17.03 4.66
C THR A 460 -23.11 -15.97 3.58
N VAL A 461 -21.90 -15.56 3.13
CA VAL A 461 -21.75 -14.61 2.05
C VAL A 461 -21.21 -15.25 0.78
N PHE A 462 -20.62 -16.44 0.88
CA PHE A 462 -20.08 -17.10 -0.29
C PHE A 462 -20.26 -18.59 -0.07
N LYS A 463 -20.72 -19.30 -1.10
CA LYS A 463 -20.82 -20.76 -0.97
C LYS A 463 -20.69 -21.35 -2.36
N ASN A 464 -19.72 -22.26 -2.53
CA ASN A 464 -19.59 -23.05 -3.76
C ASN A 464 -19.60 -22.18 -5.01
N GLY A 465 -18.77 -21.13 -4.95
CA GLY A 465 -18.53 -20.22 -6.09
C GLY A 465 -19.59 -19.16 -6.30
N LYS A 466 -20.54 -19.02 -5.38
CA LYS A 466 -21.62 -18.03 -5.56
C LYS A 466 -21.66 -17.03 -4.40
N VAL A 467 -21.75 -15.73 -4.70
CA VAL A 467 -21.93 -14.71 -3.64
C VAL A 467 -23.39 -14.85 -3.21
N THR A 468 -23.62 -15.19 -1.94
CA THR A 468 -24.97 -15.52 -1.48
C THR A 468 -25.66 -14.41 -0.72
N LYS A 469 -24.88 -13.41 -0.27
CA LYS A 469 -25.44 -12.28 0.48
C LYS A 469 -24.58 -11.04 0.18
N SER A 470 -25.22 -9.94 -0.21
CA SER A 470 -24.49 -8.72 -0.56
C SER A 470 -25.11 -7.53 0.16
N TYR A 471 -24.30 -6.49 0.31
CA TYR A 471 -24.71 -5.27 0.98
C TYR A 471 -24.48 -4.09 0.06
N SER A 472 -25.41 -3.14 0.07
CA SER A 472 -25.15 -1.91 -0.67
C SER A 472 -24.22 -1.00 0.14
N PHE A 473 -23.62 -0.03 -0.58
CA PHE A 473 -22.78 0.92 0.13
C PHE A 473 -23.58 1.79 1.10
N ASP A 474 -24.87 2.04 0.80
CA ASP A 474 -25.68 2.82 1.73
C ASP A 474 -25.90 2.07 3.04
N GLU A 475 -26.10 0.75 2.97
CA GLU A 475 -26.27 -0.03 4.19
C GLU A 475 -25.00 -0.04 5.02
N ILE A 476 -23.85 -0.19 4.33
CA ILE A 476 -22.57 -0.19 5.02
C ILE A 476 -22.34 1.12 5.75
N ARG A 477 -22.61 2.24 5.08
CA ARG A 477 -22.50 3.54 5.74
C ARG A 477 -23.42 3.63 6.96
N LYS A 478 -24.66 3.12 6.86
CA LYS A 478 -25.55 3.16 8.02
C LYS A 478 -24.99 2.32 9.17
N ASN A 479 -24.47 1.14 8.85
CA ASN A 479 -23.94 0.30 9.90
C ASN A 479 -22.74 0.92 10.57
N ALA A 480 -21.97 1.74 9.82
CA ALA A 480 -20.74 2.30 10.34
C ALA A 480 -20.90 3.66 11.01
N GLN A 481 -22.12 4.14 11.19
CA GLN A 481 -22.29 5.46 11.81
C GLN A 481 -21.70 5.53 13.21
N LEU A 482 -21.33 6.74 13.62
CA LEU A 482 -20.86 6.97 14.99
C LEU A 482 -22.04 6.96 15.95
N ASN A 483 -21.76 6.64 17.21
CA ASN A 483 -22.78 6.79 18.24
C ASN A 483 -23.23 8.25 18.36
N ILE A 484 -22.27 9.18 18.38
CA ILE A 484 -22.59 10.61 18.50
C ILE A 484 -23.54 11.06 17.39
N GLU A 485 -23.41 10.46 16.19
CA GLU A 485 -24.38 10.69 15.13
C GLU A 485 -25.74 10.08 15.48
N LEU A 486 -25.72 8.87 16.03
CA LEU A 486 -26.93 8.21 16.52
C LEU A 486 -27.41 8.93 17.78
N PHE B 9 -9.74 -0.07 -17.53
CA PHE B 9 -9.05 1.09 -16.92
C PHE B 9 -9.27 2.33 -17.79
N ASN B 10 -9.67 3.45 -17.17
CA ASN B 10 -9.89 4.73 -17.89
C ASN B 10 -8.90 5.76 -17.35
N ILE B 11 -8.03 6.29 -18.22
CA ILE B 11 -7.00 7.30 -17.83
C ILE B 11 -7.66 8.62 -17.41
N LEU B 12 -8.82 8.94 -17.99
CA LEU B 12 -9.59 10.17 -17.66
C LEU B 12 -10.06 10.14 -16.20
N LEU B 13 -10.36 8.96 -15.66
CA LEU B 13 -10.80 8.76 -14.25
C LEU B 13 -9.62 8.31 -13.39
N ALA B 14 -8.39 8.41 -13.90
CA ALA B 14 -7.18 7.93 -13.18
C ALA B 14 -6.32 9.09 -12.66
N THR B 15 -6.93 10.23 -12.31
CA THR B 15 -6.15 11.38 -11.78
C THR B 15 -6.86 11.95 -10.54
N ASP B 16 -6.15 12.76 -9.75
CA ASP B 16 -6.79 13.45 -8.64
C ASP B 16 -7.90 14.34 -9.17
N SER B 17 -8.99 14.45 -8.42
CA SER B 17 -10.16 15.20 -8.84
C SER B 17 -9.88 16.67 -9.15
N TYR B 18 -9.03 17.32 -8.36
CA TYR B 18 -8.70 18.73 -8.59
C TYR B 18 -8.00 19.01 -9.93
N LYS B 19 -7.25 18.05 -10.44
CA LYS B 19 -6.54 18.15 -11.72
C LYS B 19 -7.45 18.35 -12.94
N VAL B 20 -8.69 17.85 -12.86
CA VAL B 20 -9.67 18.01 -13.92
C VAL B 20 -9.98 19.49 -14.18
N THR B 21 -10.04 20.28 -13.11
CA THR B 21 -10.31 21.71 -13.19
C THR B 21 -9.08 22.59 -13.51
N HIS B 22 -7.90 21.99 -13.54
CA HIS B 22 -6.66 22.74 -13.79
C HIS B 22 -6.50 23.45 -15.13
N TYR B 23 -6.97 22.85 -16.21
CA TYR B 23 -6.81 23.44 -17.53
C TYR B 23 -7.24 24.90 -17.52
N LYS B 24 -8.27 25.19 -16.74
CA LYS B 24 -8.77 26.55 -16.54
C LYS B 24 -7.81 27.49 -15.78
N GLN B 25 -7.06 26.92 -14.86
CA GLN B 25 -6.11 27.62 -13.99
C GLN B 25 -4.78 28.17 -14.50
N TYR B 26 -4.23 27.53 -15.53
CA TYR B 26 -2.94 27.95 -16.07
C TYR B 26 -3.04 29.29 -16.78
N PRO B 27 -1.91 29.99 -16.90
CA PRO B 27 -1.98 31.28 -17.57
C PRO B 27 -2.43 31.11 -19.02
N PRO B 28 -3.19 32.08 -19.50
CA PRO B 28 -3.66 32.02 -20.88
C PRO B 28 -2.48 31.99 -21.86
N ASN B 29 -2.70 31.26 -22.95
CA ASN B 29 -1.72 31.02 -24.00
C ASN B 29 -0.47 30.28 -23.55
N THR B 30 -0.66 29.31 -22.65
CA THR B 30 0.44 28.44 -22.25
C THR B 30 0.49 27.26 -23.21
N SER B 31 1.63 27.10 -23.87
CA SER B 31 1.82 26.06 -24.87
C SER B 31 2.62 24.87 -24.35
N LYS B 32 3.31 25.03 -23.21
CA LYS B 32 4.14 23.93 -22.72
C LYS B 32 4.13 23.97 -21.20
N VAL B 33 3.91 22.79 -20.61
CA VAL B 33 4.13 22.57 -19.19
C VAL B 33 5.12 21.41 -19.10
N TYR B 34 6.23 21.65 -18.40
CA TYR B 34 7.35 20.72 -18.28
C TYR B 34 7.55 20.48 -16.79
N SER B 35 7.53 19.20 -16.40
CA SER B 35 7.60 18.82 -15.00
C SER B 35 8.62 17.72 -14.79
N TYR B 36 9.00 17.50 -13.54
CA TYR B 36 10.03 16.50 -13.27
C TYR B 36 9.76 15.81 -11.94
N PHE B 37 10.35 14.63 -11.78
CA PHE B 37 10.25 13.83 -10.56
C PHE B 37 11.64 13.73 -9.95
N GLU B 38 11.71 13.89 -8.64
CA GLU B 38 12.94 13.61 -7.88
C GLU B 38 12.60 12.98 -6.53
N CYS B 39 13.62 12.42 -5.89
CA CYS B 39 13.50 12.03 -4.47
C CYS B 39 14.25 13.11 -3.72
N ARG B 40 13.50 14.09 -3.24
CA ARG B 40 14.11 15.33 -2.74
C ARG B 40 15.05 15.04 -1.59
N GLU B 41 16.16 15.79 -1.52
CA GLU B 41 17.03 15.72 -0.36
C GLU B 41 16.31 16.19 0.92
N LYS B 53 19.80 6.29 6.10
CA LYS B 53 19.84 7.67 5.61
C LYS B 53 19.23 7.79 4.22
N TYR B 54 19.20 6.67 3.49
CA TYR B 54 18.63 6.63 2.14
C TYR B 54 19.24 7.67 1.20
N GLU B 55 20.56 7.77 1.23
CA GLU B 55 21.29 8.74 0.41
C GLU B 55 21.10 8.50 -1.10
N GLU B 56 21.07 7.24 -1.50
CA GLU B 56 20.89 6.90 -2.92
C GLU B 56 19.61 6.07 -3.13
N THR B 57 18.94 6.30 -4.25
CA THR B 57 17.68 5.57 -4.55
C THR B 57 17.81 4.76 -5.84
N VAL B 58 17.19 3.58 -5.89
CA VAL B 58 17.20 2.73 -7.12
C VAL B 58 16.01 3.17 -7.97
N PHE B 59 16.26 3.61 -9.20
CA PHE B 59 15.12 4.03 -10.08
C PHE B 59 14.52 2.77 -10.71
N TYR B 60 13.28 2.43 -10.34
CA TYR B 60 12.66 1.22 -10.86
C TYR B 60 11.15 1.38 -10.87
N GLY B 61 10.51 0.99 -11.96
CA GLY B 61 9.07 0.80 -11.95
C GLY B 61 8.33 1.62 -12.99
N LEU B 62 9.01 2.63 -13.59
CA LEU B 62 8.34 3.49 -14.56
C LEU B 62 7.89 2.67 -15.78
N GLN B 63 8.72 1.72 -16.21
CA GLN B 63 8.39 0.96 -17.42
C GLN B 63 7.08 0.17 -17.26
N TYR B 64 6.80 -0.34 -16.06
CA TYR B 64 5.49 -0.94 -15.81
C TYR B 64 4.36 0.04 -16.07
N ILE B 65 4.49 1.26 -15.51
CA ILE B 65 3.43 2.26 -15.65
C ILE B 65 3.25 2.66 -17.11
N LEU B 66 4.35 2.89 -17.81
CA LEU B 66 4.25 3.32 -19.21
C LEU B 66 3.50 2.28 -20.04
N ASN B 67 3.85 1.02 -19.87
CA ASN B 67 3.23 -0.05 -20.66
C ASN B 67 1.81 -0.34 -20.23
N LYS B 68 1.54 -0.41 -18.91
CA LYS B 68 0.22 -0.87 -18.50
C LYS B 68 -0.83 0.22 -18.67
N TYR B 69 -0.46 1.49 -18.47
CA TYR B 69 -1.42 2.57 -18.35
C TYR B 69 -1.30 3.67 -19.39
N LEU B 70 -0.10 3.95 -19.92
CA LEU B 70 0.05 5.17 -20.70
C LEU B 70 0.19 4.94 -22.20
N LYS B 71 0.63 3.75 -22.67
CA LYS B 71 0.92 3.57 -24.10
C LYS B 71 -0.32 3.20 -24.91
N GLY B 72 -0.27 3.55 -26.21
CA GLY B 72 -1.30 3.13 -27.15
C GLY B 72 -2.54 4.01 -27.08
N LYS B 73 -3.66 3.46 -27.56
CA LYS B 73 -4.90 4.24 -27.62
C LYS B 73 -5.54 4.18 -26.25
N VAL B 74 -5.38 5.26 -25.48
CA VAL B 74 -5.88 5.28 -24.12
C VAL B 74 -7.12 6.13 -23.98
N VAL B 75 -7.54 6.80 -25.06
CA VAL B 75 -8.75 7.63 -25.10
C VAL B 75 -9.68 7.01 -26.12
N THR B 76 -10.95 6.82 -25.75
CA THR B 76 -11.99 6.45 -26.69
C THR B 76 -13.21 7.34 -26.45
N LYS B 77 -14.16 7.32 -27.40
CA LYS B 77 -15.38 8.08 -27.22
C LYS B 77 -16.12 7.63 -25.97
N GLU B 78 -16.15 6.33 -25.73
CA GLU B 78 -16.84 5.81 -24.55
C GLU B 78 -16.18 6.27 -23.26
N LYS B 79 -14.83 6.30 -23.23
CA LYS B 79 -14.14 6.74 -22.00
C LYS B 79 -14.37 8.22 -21.72
N ILE B 80 -14.43 9.04 -22.78
CA ILE B 80 -14.73 10.45 -22.61
C ILE B 80 -16.13 10.61 -22.04
N GLN B 81 -17.11 9.89 -22.61
CA GLN B 81 -18.48 10.00 -22.13
C GLN B 81 -18.62 9.53 -20.69
N GLU B 82 -17.96 8.42 -20.34
CA GLU B 82 -17.96 7.94 -18.96
C GLU B 82 -17.40 8.99 -18.01
N ALA B 83 -16.24 9.58 -18.35
CA ALA B 83 -15.65 10.58 -17.47
C ALA B 83 -16.55 11.80 -17.34
N LYS B 84 -17.08 12.27 -18.46
CA LYS B 84 -18.01 13.40 -18.42
C LYS B 84 -19.14 13.14 -17.43
N ASP B 85 -19.74 11.95 -17.49
CA ASP B 85 -20.90 11.69 -16.65
C ASP B 85 -20.52 11.56 -15.18
N VAL B 86 -19.35 10.97 -14.89
CA VAL B 86 -18.92 10.86 -13.50
C VAL B 86 -18.61 12.23 -12.93
N TYR B 87 -17.82 13.02 -13.65
CA TYR B 87 -17.40 14.30 -13.09
C TYR B 87 -18.57 15.27 -12.96
N LYS B 88 -19.57 15.15 -13.82
CA LYS B 88 -20.73 16.04 -13.64
C LYS B 88 -21.37 15.85 -12.27
N GLU B 89 -21.48 14.58 -11.81
CA GLU B 89 -22.03 14.33 -10.48
C GLU B 89 -21.03 14.58 -9.36
N HIS B 90 -19.75 14.26 -9.61
CA HIS B 90 -18.73 14.39 -8.57
C HIS B 90 -18.47 15.85 -8.19
N PHE B 91 -18.45 16.73 -9.19
CA PHE B 91 -18.24 18.15 -8.89
C PHE B 91 -19.54 18.94 -8.79
N GLN B 92 -20.63 18.30 -9.23
CA GLN B 92 -21.95 18.92 -9.26
C GLN B 92 -21.91 20.10 -10.22
N ASP B 93 -21.01 20.01 -11.20
CA ASP B 93 -20.83 21.03 -12.22
C ASP B 93 -20.16 20.44 -13.46
N ASP B 94 -20.34 21.08 -14.60
CA ASP B 94 -19.70 20.62 -15.84
C ASP B 94 -18.33 21.24 -16.07
N VAL B 95 -17.34 20.84 -15.28
CA VAL B 95 -15.99 21.38 -15.42
C VAL B 95 -15.03 20.52 -16.24
N PHE B 96 -15.46 19.33 -16.62
CA PHE B 96 -14.62 18.41 -17.38
C PHE B 96 -14.22 18.95 -18.76
N ASN B 97 -12.96 18.78 -19.12
CA ASN B 97 -12.44 19.26 -20.39
C ASN B 97 -12.69 18.24 -21.50
N GLU B 98 -13.95 18.15 -21.90
CA GLU B 98 -14.38 17.18 -22.96
C GLU B 98 -13.67 17.52 -24.28
N LYS B 99 -13.62 18.81 -24.63
CA LYS B 99 -13.01 19.26 -25.91
C LYS B 99 -11.52 18.88 -25.96
N GLY B 100 -10.79 19.07 -24.85
CA GLY B 100 -9.36 18.75 -24.83
C GLY B 100 -9.10 17.27 -25.05
N TRP B 101 -9.88 16.41 -24.37
CA TRP B 101 -9.75 14.94 -24.52
C TRP B 101 -10.17 14.51 -25.93
N ASN B 102 -11.22 15.14 -26.47
CA ASN B 102 -11.71 14.83 -27.85
C ASN B 102 -10.59 15.17 -28.84
N TYR B 103 -9.90 16.29 -28.63
CA TYR B 103 -8.77 16.70 -29.50
C TYR B 103 -7.77 15.55 -29.58
N ILE B 104 -7.37 15.00 -28.42
CA ILE B 104 -6.42 13.89 -28.43
C ILE B 104 -6.99 12.69 -29.19
N LEU B 105 -8.25 12.36 -28.94
CA LEU B 105 -8.87 11.27 -29.67
C LEU B 105 -8.84 11.53 -31.18
N GLU B 106 -9.19 12.75 -31.62
CA GLU B 106 -9.31 12.99 -33.06
C GLU B 106 -7.96 13.16 -33.76
N LYS B 107 -7.03 13.88 -33.15
CA LYS B 107 -5.77 14.19 -33.80
C LYS B 107 -4.76 13.07 -33.71
N TYR B 108 -4.74 12.34 -32.60
CA TYR B 108 -3.68 11.37 -32.33
C TYR B 108 -4.22 9.96 -32.15
N ASP B 109 -5.46 9.69 -32.59
CA ASP B 109 -6.10 8.39 -32.37
C ASP B 109 -5.98 7.95 -30.90
N GLY B 110 -6.09 8.92 -30.02
CA GLY B 110 -6.14 8.64 -28.59
C GLY B 110 -4.82 8.31 -27.95
N HIS B 111 -3.71 8.58 -28.63
CA HIS B 111 -2.37 8.38 -28.09
C HIS B 111 -1.92 9.68 -27.43
N LEU B 112 -1.30 9.58 -26.26
CA LEU B 112 -0.97 10.79 -25.50
C LEU B 112 0.19 11.57 -26.12
N PRO B 113 0.00 12.86 -26.44
CA PRO B 113 1.12 13.68 -26.96
C PRO B 113 1.98 14.21 -25.82
N ILE B 114 2.77 13.28 -25.27
CA ILE B 114 3.66 13.51 -24.13
C ILE B 114 5.02 12.91 -24.47
N GLU B 115 6.09 13.54 -24.00
CA GLU B 115 7.42 12.97 -24.05
C GLU B 115 7.92 12.82 -22.61
N ILE B 116 8.39 11.62 -22.24
CA ILE B 116 8.98 11.35 -20.93
C ILE B 116 10.42 10.92 -21.15
N LYS B 117 11.34 11.56 -20.44
CA LYS B 117 12.75 11.19 -20.42
C LYS B 117 13.08 10.69 -19.02
N ALA B 118 13.92 9.67 -18.94
CA ALA B 118 14.15 9.03 -17.65
C ALA B 118 15.54 8.45 -17.56
N VAL B 119 16.02 8.34 -16.34
CA VAL B 119 17.30 7.67 -16.09
CA VAL B 119 17.30 7.65 -16.08
C VAL B 119 17.06 6.17 -16.28
N PRO B 120 18.06 5.37 -16.71
CA PRO B 120 17.80 3.96 -16.93
C PRO B 120 17.36 3.23 -15.67
N GLU B 121 16.44 2.29 -15.84
CA GLU B 121 15.95 1.53 -14.70
C GLU B 121 17.07 0.70 -14.08
N GLY B 122 17.01 0.62 -12.75
CA GLY B 122 18.03 0.01 -11.96
C GLY B 122 19.15 0.94 -11.58
N PHE B 123 19.25 2.12 -12.23
CA PHE B 123 20.31 3.03 -11.85
C PHE B 123 20.15 3.46 -10.40
N VAL B 124 21.27 3.63 -9.73
CA VAL B 124 21.36 4.04 -8.33
C VAL B 124 21.85 5.47 -8.31
N ILE B 125 21.00 6.38 -7.87
CA ILE B 125 21.18 7.82 -8.06
C ILE B 125 21.06 8.50 -6.70
N PRO B 126 21.94 9.42 -6.35
CA PRO B 126 21.81 10.14 -5.10
C PRO B 126 20.54 10.99 -5.04
N ARG B 127 20.05 11.21 -3.82
CA ARG B 127 18.88 12.05 -3.61
C ARG B 127 19.07 13.43 -4.23
N GLY B 128 17.94 14.03 -4.66
CA GLY B 128 17.93 15.40 -5.14
C GLY B 128 18.33 15.54 -6.58
N ASN B 129 18.26 14.47 -7.35
CA ASN B 129 18.53 14.50 -8.78
C ASN B 129 17.27 14.24 -9.60
N VAL B 130 17.24 14.84 -10.79
CA VAL B 130 16.14 14.54 -11.70
C VAL B 130 16.16 13.06 -12.08
N LEU B 131 15.02 12.38 -11.93
CA LEU B 131 14.94 10.98 -12.35
C LEU B 131 14.14 10.83 -13.64
N PHE B 132 13.08 11.62 -13.79
CA PHE B 132 12.38 11.67 -15.08
C PHE B 132 11.73 13.03 -15.26
N THR B 133 11.48 13.37 -16.52
CA THR B 133 10.81 14.60 -16.89
C THR B 133 9.66 14.28 -17.83
N VAL B 134 8.66 15.18 -17.85
CA VAL B 134 7.43 14.99 -18.60
C VAL B 134 7.10 16.32 -19.26
N GLU B 135 6.73 16.29 -20.53
CA GLU B 135 6.27 17.52 -21.18
C GLU B 135 5.31 17.16 -22.31
N ASN B 136 4.42 18.10 -22.65
CA ASN B 136 3.51 17.87 -23.76
C ASN B 136 4.20 18.18 -25.08
N THR B 137 3.84 17.44 -26.12
CA THR B 137 4.44 17.61 -27.44
C THR B 137 3.51 18.37 -28.38
N ASP B 138 2.32 18.71 -27.94
CA ASP B 138 1.38 19.50 -28.74
C ASP B 138 0.95 20.67 -27.86
N PRO B 139 0.97 21.91 -28.35
CA PRO B 139 0.60 23.04 -27.50
C PRO B 139 -0.82 23.00 -26.96
N GLU B 140 -1.76 22.38 -27.69
CA GLU B 140 -3.10 22.29 -27.17
C GLU B 140 -3.18 21.41 -25.94
N CYS B 141 -2.17 20.60 -25.70
CA CYS B 141 -2.22 19.65 -24.60
C CYS B 141 -1.30 20.06 -23.45
N TYR B 142 -1.12 21.36 -23.25
CA TYR B 142 -0.36 21.87 -22.10
C TYR B 142 -0.89 21.31 -20.78
N TRP B 143 -2.19 21.03 -20.69
CA TRP B 143 -2.83 20.58 -19.45
C TRP B 143 -2.54 19.10 -19.17
N LEU B 144 -2.02 18.39 -20.16
CA LEU B 144 -1.92 16.93 -20.04
C LEU B 144 -0.72 16.53 -19.17
N THR B 145 0.35 17.33 -19.19
CA THR B 145 1.56 17.01 -18.41
C THR B 145 1.24 16.71 -16.97
N ASN B 146 0.47 17.59 -16.31
CA ASN B 146 0.19 17.38 -14.89
CA ASN B 146 0.19 17.38 -14.89
C ASN B 146 -1.07 16.57 -14.64
N TRP B 147 -1.89 16.33 -15.67
CA TRP B 147 -2.96 15.35 -15.53
C TRP B 147 -2.40 14.02 -15.08
N ILE B 148 -1.29 13.60 -15.69
CA ILE B 148 -0.71 12.28 -15.44
C ILE B 148 0.27 12.28 -14.29
N GLU B 149 0.38 13.38 -13.53
CA GLU B 149 1.19 13.36 -12.33
C GLU B 149 0.81 12.20 -11.42
N THR B 150 -0.50 12.04 -11.14
CA THR B 150 -0.93 11.10 -10.12
C THR B 150 -0.46 9.68 -10.46
N ILE B 151 -0.66 9.27 -11.70
CA ILE B 151 -0.26 7.93 -12.17
CA ILE B 151 -0.27 7.91 -12.06
C ILE B 151 1.25 7.76 -12.09
N LEU B 152 1.98 8.77 -12.54
CA LEU B 152 3.44 8.65 -12.59
C LEU B 152 4.04 8.70 -11.19
N VAL B 153 3.48 9.49 -10.28
CA VAL B 153 4.06 9.60 -8.93
C VAL B 153 3.96 8.30 -8.17
N GLN B 154 3.01 7.43 -8.53
CA GLN B 154 2.98 6.11 -7.91
CA GLN B 154 2.98 6.11 -7.91
C GLN B 154 4.25 5.30 -8.15
N SER B 155 5.12 5.73 -9.08
CA SER B 155 6.46 5.12 -9.14
CA SER B 155 6.47 5.19 -9.16
C SER B 155 7.21 5.24 -7.83
N TRP B 156 6.79 6.14 -6.91
CA TRP B 156 7.47 6.18 -5.63
C TRP B 156 7.53 4.78 -5.00
N TYR B 157 6.48 3.98 -5.20
CA TYR B 157 6.39 2.71 -4.47
C TYR B 157 7.44 1.71 -4.94
N PRO B 158 7.56 1.36 -6.23
CA PRO B 158 8.65 0.44 -6.62
C PRO B 158 10.02 1.06 -6.38
N ILE B 159 10.19 2.38 -6.53
CA ILE B 159 11.47 2.98 -6.20
C ILE B 159 11.80 2.71 -4.74
N THR B 160 10.81 2.93 -3.87
CA THR B 160 11.08 2.87 -2.44
C THR B 160 11.27 1.44 -1.97
N VAL B 161 10.45 0.49 -2.46
CA VAL B 161 10.69 -0.90 -2.11
C VAL B 161 12.07 -1.34 -2.58
N ALA B 162 12.43 -1.03 -3.83
CA ALA B 162 13.71 -1.46 -4.34
C ALA B 162 14.85 -0.86 -3.55
N THR B 163 14.73 0.42 -3.20
CA THR B 163 15.76 1.12 -2.44
C THR B 163 15.91 0.53 -1.05
N ASN B 164 14.79 0.37 -0.33
CA ASN B 164 14.85 -0.14 1.03
C ASN B 164 15.32 -1.60 1.03
N SER B 165 14.91 -2.39 0.04
CA SER B 165 15.43 -3.74 -0.09
C SER B 165 16.94 -3.73 -0.31
N ARG B 166 17.41 -2.82 -1.18
CA ARG B 166 18.85 -2.74 -1.43
C ARG B 166 19.63 -2.31 -0.19
N GLU B 167 19.06 -1.40 0.62
CA GLU B 167 19.75 -0.98 1.85
C GLU B 167 19.85 -2.15 2.82
N GLN B 168 18.83 -3.01 2.86
CA GLN B 168 18.96 -4.21 3.68
C GLN B 168 20.02 -5.16 3.12
N LYS B 169 20.10 -5.27 1.79
CA LYS B 169 21.17 -6.08 1.19
C LYS B 169 22.53 -5.56 1.60
N LYS B 170 22.71 -4.24 1.72
CA LYS B 170 24.02 -3.69 2.13
C LYS B 170 24.36 -4.13 3.53
N ILE B 171 23.38 -4.14 4.42
CA ILE B 171 23.61 -4.60 5.80
C ILE B 171 23.99 -6.06 5.81
N LEU B 172 23.22 -6.88 5.11
CA LEU B 172 23.50 -8.31 5.06
C LEU B 172 24.86 -8.57 4.47
N ALA B 173 25.25 -7.82 3.42
CA ALA B 173 26.54 -8.08 2.79
C ALA B 173 27.67 -7.75 3.75
N LYS B 174 27.56 -6.63 4.44
CA LYS B 174 28.60 -6.23 5.39
C LYS B 174 28.82 -7.32 6.44
N TYR B 175 27.74 -7.84 7.00
CA TYR B 175 27.87 -8.80 8.09
C TYR B 175 28.19 -10.20 7.61
N LEU B 176 27.69 -10.60 6.44
CA LEU B 176 28.10 -11.87 5.89
C LEU B 176 29.57 -11.86 5.55
N LEU B 177 30.04 -10.77 4.95
CA LEU B 177 31.45 -10.71 4.60
C LEU B 177 32.33 -10.76 5.85
N GLU B 178 31.96 -10.00 6.86
CA GLU B 178 32.74 -9.99 8.08
C GLU B 178 32.74 -11.33 8.82
N THR B 179 31.58 -11.96 8.92
CA THR B 179 31.51 -13.24 9.62
C THR B 179 31.93 -14.49 8.85
N SER B 180 31.87 -14.44 7.52
CA SER B 180 32.24 -15.58 6.70
C SER B 180 33.36 -15.40 5.69
N GLY B 181 33.71 -14.16 5.38
CA GLY B 181 34.73 -13.92 4.37
C GLY B 181 34.27 -13.89 2.94
N ASN B 182 32.99 -14.10 2.67
CA ASN B 182 32.53 -14.06 1.29
C ASN B 182 31.06 -13.65 1.31
N LEU B 183 30.48 -13.53 0.13
CA LEU B 183 29.07 -13.14 -0.02
C LEU B 183 28.21 -14.28 -0.52
N ASP B 184 28.65 -15.54 -0.39
CA ASP B 184 27.87 -16.65 -0.91
C ASP B 184 26.50 -16.65 -0.24
N GLY B 185 25.45 -16.77 -1.06
CA GLY B 185 24.11 -16.85 -0.51
C GLY B 185 23.44 -15.53 -0.26
N LEU B 186 24.14 -14.42 -0.47
CA LEU B 186 23.59 -13.11 -0.13
C LEU B 186 22.22 -12.89 -0.76
N GLU B 187 22.06 -13.26 -2.03
CA GLU B 187 20.84 -12.94 -2.75
C GLU B 187 19.68 -13.80 -2.29
N TYR B 188 19.87 -14.72 -1.33
CA TYR B 188 18.78 -15.49 -0.76
C TYR B 188 18.51 -15.12 0.69
N LYS B 189 19.16 -14.08 1.19
CA LYS B 189 19.12 -13.88 2.65
C LYS B 189 17.95 -13.02 3.13
N LEU B 190 17.18 -12.41 2.23
CA LEU B 190 16.00 -11.61 2.63
C LEU B 190 14.86 -12.04 1.73
N HIS B 191 13.94 -12.81 2.28
CA HIS B 191 12.87 -13.44 1.51
C HIS B 191 11.56 -12.66 1.69
N ASP B 192 10.84 -12.44 0.60
CA ASP B 192 9.57 -11.67 0.64
C ASP B 192 8.46 -12.56 1.16
N PHE B 193 7.91 -12.17 2.33
CA PHE B 193 6.76 -12.81 2.95
C PHE B 193 5.52 -11.90 2.88
N GLY B 194 5.57 -10.86 2.04
CA GLY B 194 4.60 -9.78 2.21
C GLY B 194 3.29 -9.88 1.46
N TYR B 195 2.97 -10.98 0.81
CA TYR B 195 1.80 -10.99 -0.06
C TYR B 195 0.53 -10.66 0.73
N ARG B 196 0.32 -11.28 1.91
CA ARG B 196 -0.90 -11.05 2.67
C ARG B 196 -0.94 -9.69 3.32
N GLY B 197 0.23 -9.06 3.50
CA GLY B 197 0.32 -7.83 4.26
C GLY B 197 0.39 -6.57 3.42
N VAL B 198 0.22 -6.65 2.11
CA VAL B 198 0.07 -5.45 1.28
C VAL B 198 -1.40 -5.16 1.03
N SER B 199 -1.64 -3.99 0.43
CA SER B 199 -2.99 -3.48 0.38
C SER B 199 -3.78 -3.94 -0.83
N SER B 200 -3.16 -4.63 -1.81
CA SER B 200 -3.91 -5.14 -2.97
C SER B 200 -3.06 -6.15 -3.74
N GLN B 201 -3.76 -6.87 -4.62
CA GLN B 201 -3.07 -7.77 -5.55
C GLN B 201 -2.10 -6.99 -6.42
N GLU B 202 -2.53 -5.82 -6.93
CA GLU B 202 -1.63 -5.09 -7.81
C GLU B 202 -0.35 -4.67 -7.07
N THR B 203 -0.53 -4.14 -5.86
CA THR B 203 0.62 -3.76 -5.06
C THR B 203 1.53 -4.94 -4.79
N ALA B 204 0.96 -6.13 -4.53
CA ALA B 204 1.79 -7.29 -4.28
C ALA B 204 2.74 -7.58 -5.45
N GLY B 205 2.22 -7.53 -6.68
CA GLY B 205 3.09 -7.78 -7.83
C GLY B 205 4.16 -6.71 -7.99
N ILE B 206 3.77 -5.43 -7.89
CA ILE B 206 4.74 -4.35 -8.05
C ILE B 206 5.82 -4.46 -6.99
N GLY B 207 5.39 -4.56 -5.71
CA GLY B 207 6.37 -4.58 -4.64
C GLY B 207 7.26 -5.80 -4.70
N ALA B 208 6.69 -6.97 -4.95
CA ALA B 208 7.52 -8.16 -5.03
C ALA B 208 8.54 -8.02 -6.14
N SER B 209 8.13 -7.43 -7.29
CA SER B 209 9.11 -7.27 -8.38
C SER B 209 10.25 -6.33 -7.94
N ALA B 210 9.93 -5.29 -7.16
CA ALA B 210 10.99 -4.35 -6.77
C ALA B 210 11.97 -5.00 -5.80
N HIS B 211 11.48 -5.89 -4.91
CA HIS B 211 12.40 -6.66 -4.05
C HIS B 211 13.30 -7.57 -4.89
N LEU B 212 12.74 -8.16 -5.96
CA LEU B 212 13.54 -9.07 -6.79
C LEU B 212 14.60 -8.33 -7.60
N VAL B 213 14.63 -6.98 -7.61
CA VAL B 213 15.79 -6.31 -8.18
C VAL B 213 17.05 -6.67 -7.41
N ASN B 214 16.90 -6.93 -6.10
CA ASN B 214 18.07 -7.17 -5.23
C ASN B 214 18.17 -8.62 -4.73
N PHE B 215 17.06 -9.35 -4.66
CA PHE B 215 17.08 -10.74 -4.11
C PHE B 215 16.34 -11.70 -5.04
N LYS B 216 16.60 -13.00 -4.88
CA LYS B 216 15.95 -14.05 -5.71
C LYS B 216 14.94 -14.86 -4.89
N GLY B 217 14.77 -14.54 -3.59
CA GLY B 217 13.85 -15.32 -2.74
C GLY B 217 12.53 -14.62 -2.51
N THR B 218 11.41 -15.28 -2.81
CA THR B 218 10.09 -14.62 -2.63
C THR B 218 8.94 -15.62 -2.63
N ASP B 219 7.98 -15.39 -1.73
CA ASP B 219 6.73 -16.14 -1.69
C ASP B 219 5.60 -15.33 -2.32
N THR B 220 5.89 -14.10 -2.77
CA THR B 220 4.83 -13.28 -3.34
C THR B 220 4.80 -13.57 -4.83
N VAL B 221 4.04 -14.61 -5.18
CA VAL B 221 4.07 -15.18 -6.54
C VAL B 221 3.69 -14.14 -7.58
N ALA B 222 2.84 -13.16 -7.21
CA ALA B 222 2.39 -12.11 -8.13
C ALA B 222 3.56 -11.39 -8.82
N GLY B 223 4.73 -11.33 -8.18
CA GLY B 223 5.83 -10.58 -8.79
C GLY B 223 6.39 -11.26 -10.02
N LEU B 224 6.25 -12.58 -10.10
CA LEU B 224 6.85 -13.31 -11.22
C LEU B 224 6.20 -12.91 -12.53
N ALA B 225 4.86 -12.95 -12.57
CA ALA B 225 4.10 -12.62 -13.80
C ALA B 225 4.39 -11.18 -14.26
N LEU B 226 4.43 -10.24 -13.31
CA LEU B 226 4.67 -8.82 -13.67
C LEU B 226 6.05 -8.66 -14.32
N ILE B 227 7.08 -9.31 -13.76
CA ILE B 227 8.45 -9.19 -14.34
C ILE B 227 8.48 -9.79 -15.74
N LYS B 228 7.86 -10.95 -15.93
CA LYS B 228 7.87 -11.62 -17.26
C LYS B 228 7.16 -10.75 -18.30
N LYS B 229 6.00 -10.21 -17.93
CA LYS B 229 5.17 -9.37 -18.84
C LYS B 229 5.80 -8.00 -19.18
N TYR B 230 6.36 -7.29 -18.21
CA TYR B 230 6.82 -5.91 -18.47
C TYR B 230 8.34 -5.74 -18.54
N TYR B 231 9.13 -6.70 -18.07
CA TYR B 231 10.61 -6.52 -18.08
C TYR B 231 11.25 -7.70 -18.79
N GLY B 232 11.02 -8.91 -18.25
CA GLY B 232 11.52 -10.15 -18.86
C GLY B 232 12.89 -10.54 -18.37
N THR B 233 13.16 -11.85 -18.27
CA THR B 233 14.46 -12.33 -17.81
C THR B 233 14.92 -13.52 -18.65
N LYS B 234 16.23 -13.73 -18.73
CA LYS B 234 16.78 -14.85 -19.47
C LYS B 234 16.33 -16.17 -18.83
N ASP B 235 16.33 -16.21 -17.50
CA ASP B 235 15.88 -17.38 -16.76
C ASP B 235 14.37 -17.51 -16.83
N PRO B 236 13.86 -18.74 -16.64
CA PRO B 236 12.40 -18.93 -16.71
C PRO B 236 11.65 -18.11 -15.66
N VAL B 237 12.18 -18.05 -14.44
CA VAL B 237 11.55 -17.25 -13.39
C VAL B 237 12.58 -16.39 -12.67
N PRO B 238 12.16 -15.20 -12.22
CA PRO B 238 13.10 -14.32 -11.52
C PRO B 238 13.27 -14.63 -10.04
N GLY B 239 12.42 -15.47 -9.45
CA GLY B 239 12.57 -15.72 -8.03
C GLY B 239 12.09 -17.12 -7.70
N TYR B 240 12.45 -17.53 -6.48
CA TYR B 240 12.42 -18.95 -6.10
C TYR B 240 11.96 -19.07 -4.66
N SER B 241 11.45 -20.26 -4.33
CA SER B 241 11.07 -20.54 -2.96
C SER B 241 11.34 -22.00 -2.65
N VAL B 242 10.99 -22.40 -1.43
CA VAL B 242 11.14 -23.78 -0.93
C VAL B 242 9.87 -24.16 -0.18
N PRO B 243 9.63 -25.44 -0.02
CA PRO B 243 8.49 -25.88 0.79
C PRO B 243 8.66 -25.37 2.21
N ALA B 244 7.52 -25.05 2.83
CA ALA B 244 7.57 -24.52 4.18
C ALA B 244 6.21 -24.72 4.82
N ALA B 245 6.22 -24.97 6.13
CA ALA B 245 5.01 -25.12 6.93
C ALA B 245 4.45 -23.77 7.38
N GLU B 246 3.17 -23.78 7.76
CA GLU B 246 2.55 -22.64 8.45
C GLU B 246 1.91 -23.17 9.70
N HIS B 247 1.36 -22.28 10.54
CA HIS B 247 0.80 -22.79 11.78
C HIS B 247 -0.34 -23.77 11.53
N SER B 248 -1.16 -23.56 10.49
CA SER B 248 -2.26 -24.52 10.27
C SER B 248 -1.77 -25.93 10.02
N THR B 249 -0.66 -26.09 9.31
CA THR B 249 -0.22 -27.44 9.00
C THR B 249 0.47 -28.12 10.16
N ILE B 250 0.90 -27.37 11.17
CA ILE B 250 1.40 -27.98 12.39
C ILE B 250 0.28 -28.22 13.39
N THR B 251 -0.51 -27.16 13.67
CA THR B 251 -1.50 -27.22 14.73
C THR B 251 -2.65 -28.12 14.38
N ALA B 252 -2.90 -28.38 13.08
CA ALA B 252 -4.00 -29.29 12.71
C ALA B 252 -3.81 -30.68 13.26
N TRP B 253 -2.57 -31.07 13.61
CA TRP B 253 -2.31 -32.41 14.13
C TRP B 253 -2.73 -32.53 15.59
N GLY B 254 -3.04 -31.42 16.24
CA GLY B 254 -3.30 -31.37 17.69
C GLY B 254 -2.04 -31.06 18.49
N LYS B 255 -2.23 -30.36 19.63
CA LYS B 255 -1.06 -29.88 20.37
C LYS B 255 -0.14 -31.01 20.81
N ASP B 256 -0.71 -32.18 21.16
CA ASP B 256 0.13 -33.27 21.62
C ASP B 256 0.84 -33.99 20.49
N HIS B 257 0.62 -33.57 19.25
CA HIS B 257 1.18 -34.26 18.11
C HIS B 257 2.07 -33.35 17.25
N GLU B 258 2.66 -32.34 17.87
CA GLU B 258 3.58 -31.48 17.14
C GLU B 258 4.73 -32.28 16.54
N LYS B 259 5.28 -33.23 17.30
CA LYS B 259 6.36 -34.06 16.78
C LYS B 259 5.91 -34.85 15.54
N ASP B 260 4.69 -35.38 15.55
CA ASP B 260 4.20 -36.12 14.40
CA ASP B 260 4.20 -36.12 14.39
C ASP B 260 4.09 -35.23 13.16
N ALA B 261 3.65 -33.99 13.35
CA ALA B 261 3.58 -33.05 12.24
C ALA B 261 4.98 -32.80 11.68
N PHE B 262 5.92 -32.47 12.56
CA PHE B 262 7.30 -32.23 12.11
C PHE B 262 7.84 -33.44 11.34
N GLU B 263 7.66 -34.65 11.89
CA GLU B 263 8.21 -35.86 11.24
C GLU B 263 7.59 -36.06 9.87
N HIS B 264 6.27 -35.87 9.79
CA HIS B 264 5.55 -36.04 8.50
C HIS B 264 6.08 -35.04 7.46
N ILE B 265 6.15 -33.76 7.82
CA ILE B 265 6.60 -32.73 6.90
C ILE B 265 8.05 -32.89 6.41
N VAL B 266 8.97 -33.22 7.31
CA VAL B 266 10.36 -33.41 6.92
C VAL B 266 10.51 -34.60 5.99
N THR B 267 9.77 -35.67 6.28
CA THR B 267 9.76 -36.88 5.47
C THR B 267 9.20 -36.59 4.07
N GLN B 268 8.17 -35.75 4.03
CA GLN B 268 7.52 -35.36 2.80
C GLN B 268 8.46 -34.62 1.85
N PHE B 269 9.34 -33.80 2.42
CA PHE B 269 10.28 -33.05 1.59
C PHE B 269 11.69 -33.32 2.10
N SER B 270 12.07 -34.59 2.04
CA SER B 270 13.37 -35.09 2.44
C SER B 270 14.55 -34.64 1.57
N SER B 271 14.33 -34.57 0.26
CA SER B 271 15.41 -34.25 -0.71
C SER B 271 15.46 -32.77 -1.09
N VAL B 272 14.63 -31.92 -0.48
CA VAL B 272 14.67 -30.46 -0.80
C VAL B 272 14.72 -29.67 0.50
N PRO B 273 15.17 -28.40 0.50
CA PRO B 273 15.20 -27.61 1.74
C PRO B 273 13.75 -27.44 2.21
N VAL B 274 13.52 -27.58 3.52
CA VAL B 274 12.14 -27.45 4.06
C VAL B 274 12.16 -26.52 5.28
N SER B 275 11.30 -25.50 5.25
CA SER B 275 11.21 -24.54 6.38
C SER B 275 10.06 -25.00 7.27
N VAL B 276 10.30 -25.15 8.58
CA VAL B 276 9.22 -25.64 9.49
C VAL B 276 9.04 -24.65 10.65
N VAL B 277 7.91 -23.95 10.70
CA VAL B 277 7.65 -23.00 11.81
C VAL B 277 7.60 -23.85 13.09
N SER B 278 8.37 -23.48 14.12
CA SER B 278 8.48 -24.31 15.35
C SER B 278 7.99 -23.58 16.61
N ASP B 279 7.29 -22.46 16.47
CA ASP B 279 6.86 -21.66 17.65
C ASP B 279 5.37 -21.83 17.95
N SER B 280 4.72 -22.88 17.41
CA SER B 280 3.26 -23.03 17.63
C SER B 280 2.94 -23.09 19.12
N TYR B 281 3.71 -23.83 19.91
CA TYR B 281 3.45 -23.93 21.37
C TYR B 281 4.67 -23.45 22.17
N ASP B 282 5.83 -24.10 21.95
CA ASP B 282 7.08 -23.70 22.65
C ASP B 282 8.24 -23.82 21.65
N ILE B 283 8.77 -22.69 21.19
CA ILE B 283 9.89 -22.71 20.18
C ILE B 283 11.13 -23.36 20.80
N TYR B 284 11.44 -23.03 22.06
CA TYR B 284 12.64 -23.57 22.75
C TYR B 284 12.51 -25.09 22.94
N ASN B 285 11.32 -25.55 23.35
CA ASN B 285 11.08 -27.00 23.53
C ASN B 285 11.20 -27.71 22.17
N ALA B 286 10.65 -27.09 21.13
CA ALA B 286 10.69 -27.72 19.79
C ALA B 286 12.14 -27.88 19.32
N CYS B 287 12.96 -26.82 19.47
CA CYS B 287 14.37 -26.92 19.02
C CYS B 287 15.17 -27.89 19.88
N GLU B 288 15.07 -27.76 21.20
CA GLU B 288 15.89 -28.61 22.12
C GLU B 288 15.37 -30.05 22.21
N LYS B 289 14.05 -30.24 22.38
CA LYS B 289 13.56 -31.64 22.56
C LYS B 289 13.07 -32.29 21.26
N ILE B 290 12.18 -31.64 20.49
CA ILE B 290 11.67 -32.35 19.28
C ILE B 290 12.74 -32.42 18.17
N TRP B 291 13.31 -31.29 17.77
CA TRP B 291 14.36 -31.30 16.72
C TRP B 291 15.66 -31.88 17.28
N GLY B 292 16.01 -31.43 18.49
CA GLY B 292 17.25 -31.78 19.21
C GLY B 292 17.38 -33.24 19.58
N GLU B 293 16.29 -33.88 20.03
CA GLU B 293 16.41 -35.29 20.48
C GLU B 293 15.48 -36.24 19.72
N ASP B 294 14.17 -35.98 19.74
CA ASP B 294 13.18 -36.92 19.16
C ASP B 294 13.36 -37.12 17.65
N LEU B 295 13.58 -36.05 16.87
CA LEU B 295 13.69 -36.19 15.40
C LEU B 295 15.13 -35.90 14.92
N ARG B 296 16.09 -35.83 15.84
CA ARG B 296 17.50 -35.54 15.48
C ARG B 296 17.99 -36.46 14.36
N HIS B 297 17.67 -37.76 14.42
CA HIS B 297 18.15 -38.73 13.41
C HIS B 297 17.71 -38.31 12.01
N LEU B 298 16.50 -37.78 11.88
CA LEU B 298 15.95 -37.28 10.62
C LEU B 298 16.68 -36.05 10.07
N ILE B 299 17.09 -35.16 10.96
CA ILE B 299 17.84 -33.96 10.58
C ILE B 299 19.30 -34.17 10.13
N VAL B 300 20.05 -34.97 10.88
CA VAL B 300 21.47 -35.21 10.59
C VAL B 300 21.74 -36.00 9.30
N SER B 301 20.75 -36.76 8.87
CA SER B 301 20.82 -37.53 7.63
C SER B 301 20.59 -36.69 6.37
N ARG B 302 20.09 -35.47 6.53
CA ARG B 302 19.79 -34.61 5.40
C ARG B 302 20.99 -34.08 4.62
N SER B 303 20.77 -33.85 3.34
CA SER B 303 21.84 -33.37 2.43
C SER B 303 22.08 -31.87 2.62
N THR B 304 23.25 -31.38 2.20
CA THR B 304 23.62 -29.94 2.28
C THR B 304 22.66 -29.12 1.40
N GLN B 305 22.28 -29.67 0.24
CA GLN B 305 21.34 -29.04 -0.73
C GLN B 305 19.91 -28.98 -0.16
N ALA B 306 19.56 -29.86 0.79
CA ALA B 306 18.19 -29.85 1.36
C ALA B 306 18.25 -29.84 2.89
N PRO B 307 18.70 -28.72 3.52
CA PRO B 307 18.77 -28.64 4.97
C PRO B 307 17.40 -28.35 5.61
N LEU B 308 17.23 -28.66 6.88
CA LEU B 308 16.00 -28.31 7.58
C LEU B 308 16.20 -26.87 7.98
N ILE B 309 15.21 -26.03 7.76
CA ILE B 309 15.30 -24.63 8.15
C ILE B 309 14.29 -24.39 9.26
N ILE B 310 14.79 -24.23 10.48
CA ILE B 310 13.94 -24.00 11.64
C ILE B 310 13.47 -22.55 11.65
N ARG B 311 12.17 -22.35 11.79
CA ARG B 311 11.61 -21.02 11.76
C ARG B 311 10.86 -20.56 13.00
N PRO B 312 11.48 -19.67 13.79
CA PRO B 312 10.78 -19.07 14.92
C PRO B 312 9.86 -17.98 14.35
N ASP B 313 8.78 -17.65 15.03
CA ASP B 313 7.86 -16.65 14.50
C ASP B 313 7.21 -15.78 15.57
N SER B 314 7.84 -15.69 16.74
CA SER B 314 7.29 -14.89 17.85
C SER B 314 8.35 -14.55 18.89
N GLY B 315 8.02 -13.60 19.78
CA GLY B 315 8.94 -13.13 20.83
C GLY B 315 9.86 -12.04 20.31
N ASN B 316 10.78 -11.56 21.15
CA ASN B 316 11.73 -10.52 20.67
C ASN B 316 12.54 -11.16 19.54
N PRO B 317 12.67 -10.55 18.34
CA PRO B 317 13.40 -11.20 17.25
C PRO B 317 14.87 -11.50 17.55
N LEU B 318 15.61 -10.54 18.11
CA LEU B 318 17.04 -10.79 18.43
C LEU B 318 17.18 -11.83 19.55
N ASP B 319 16.37 -11.69 20.61
CA ASP B 319 16.44 -12.60 21.77
C ASP B 319 16.08 -14.02 21.34
N THR B 320 15.05 -14.16 20.51
CA THR B 320 14.60 -15.50 20.04
C THR B 320 15.69 -16.12 19.16
N VAL B 321 16.24 -15.35 18.22
CA VAL B 321 17.28 -15.92 17.34
C VAL B 321 18.48 -16.40 18.15
N LEU B 322 18.92 -15.58 19.13
CA LEU B 322 20.12 -15.95 19.87
C LEU B 322 19.89 -17.20 20.70
N LYS B 323 18.70 -17.31 21.32
CA LYS B 323 18.41 -18.47 22.15
C LYS B 323 18.22 -19.73 21.31
N VAL B 324 17.53 -19.61 20.15
CA VAL B 324 17.44 -20.75 19.23
C VAL B 324 18.83 -21.22 18.82
N LEU B 325 19.72 -20.28 18.45
CA LEU B 325 21.05 -20.72 18.04
C LEU B 325 21.81 -21.36 19.20
N GLU B 326 21.67 -20.82 20.43
CA GLU B 326 22.37 -21.45 21.55
C GLU B 326 21.87 -22.86 21.76
N ILE B 327 20.56 -23.05 21.69
CA ILE B 327 19.98 -24.39 21.86
C ILE B 327 20.53 -25.34 20.81
N LEU B 328 20.45 -24.93 19.54
CA LEU B 328 20.86 -25.82 18.46
C LEU B 328 22.34 -26.10 18.52
N GLY B 329 23.13 -25.12 18.96
CA GLY B 329 24.58 -25.31 19.04
C GLY B 329 24.97 -26.37 20.06
N LYS B 330 24.08 -26.63 21.04
CA LYS B 330 24.37 -27.63 22.09
C LYS B 330 23.77 -29.00 21.74
N LYS B 331 23.02 -29.10 20.65
CA LYS B 331 22.39 -30.39 20.28
C LYS B 331 22.95 -30.89 18.93
N PHE B 332 23.63 -30.03 18.19
CA PHE B 332 24.16 -30.38 16.89
C PHE B 332 25.64 -30.02 16.79
N PRO B 333 26.37 -30.65 15.89
CA PRO B 333 27.82 -30.38 15.85
C PRO B 333 28.26 -29.07 15.18
N VAL B 334 28.57 -28.09 15.97
CA VAL B 334 28.94 -26.75 15.47
C VAL B 334 30.42 -26.73 15.11
N THR B 335 30.73 -26.02 14.03
CA THR B 335 32.10 -25.81 13.62
C THR B 335 32.45 -24.35 13.75
N GLU B 336 33.72 -24.06 13.57
CA GLU B 336 34.22 -22.70 13.62
C GLU B 336 34.80 -22.40 12.24
N ASN B 337 34.23 -21.41 11.54
CA ASN B 337 34.68 -21.14 10.20
C ASN B 337 36.01 -20.39 10.20
N SER B 338 36.52 -20.04 8.99
CA SER B 338 37.86 -19.48 8.92
C SER B 338 37.98 -18.08 9.52
N LYS B 339 36.85 -17.43 9.80
CA LYS B 339 36.85 -16.12 10.43
C LYS B 339 36.67 -16.21 11.94
N GLY B 340 36.51 -17.41 12.50
CA GLY B 340 36.35 -17.54 13.92
C GLY B 340 34.91 -17.57 14.38
N TYR B 341 33.94 -17.64 13.45
CA TYR B 341 32.53 -17.59 13.81
C TYR B 341 31.91 -18.98 13.79
N LYS B 342 30.93 -19.19 14.67
CA LYS B 342 30.28 -20.50 14.77
C LYS B 342 29.32 -20.77 13.62
N LEU B 343 29.30 -22.02 13.19
CA LEU B 343 28.54 -22.44 12.02
C LEU B 343 27.82 -23.76 12.32
N LEU B 344 26.49 -23.75 12.21
CA LEU B 344 25.73 -24.98 12.33
C LEU B 344 26.13 -25.93 11.22
N PRO B 345 25.87 -27.23 11.39
CA PRO B 345 26.13 -28.18 10.31
C PRO B 345 25.29 -27.83 9.08
N PRO B 346 25.71 -28.24 7.90
CA PRO B 346 25.09 -27.73 6.68
C PRO B 346 23.66 -28.21 6.44
N TYR B 347 23.19 -29.23 7.14
CA TYR B 347 21.83 -29.72 7.06
C TYR B 347 20.86 -28.92 7.96
N LEU B 348 21.34 -27.88 8.64
CA LEU B 348 20.50 -27.17 9.63
C LEU B 348 20.70 -25.67 9.49
N ARG B 349 19.62 -24.94 9.28
CA ARG B 349 19.68 -23.47 9.18
C ARG B 349 18.47 -22.91 9.91
N VAL B 350 18.44 -21.58 10.06
CA VAL B 350 17.34 -20.85 10.72
C VAL B 350 16.85 -19.74 9.81
N ILE B 351 15.55 -19.47 9.86
CA ILE B 351 14.98 -18.28 9.22
CA ILE B 351 14.94 -18.31 9.20
C ILE B 351 14.18 -17.54 10.25
N GLN B 352 14.50 -16.27 10.41
CA GLN B 352 13.70 -15.38 11.25
CA GLN B 352 13.70 -15.38 11.25
C GLN B 352 12.77 -14.59 10.33
N GLY B 353 11.46 -14.89 10.41
CA GLY B 353 10.48 -14.26 9.54
C GLY B 353 9.41 -13.47 10.26
N ASP B 354 9.66 -13.09 11.50
CA ASP B 354 8.76 -12.25 12.27
C ASP B 354 9.48 -11.00 12.72
N GLY B 355 8.79 -9.87 12.58
CA GLY B 355 9.29 -8.60 13.11
C GLY B 355 10.46 -8.02 12.37
N VAL B 356 10.66 -8.49 11.14
CA VAL B 356 11.78 -8.07 10.35
C VAL B 356 11.51 -6.86 9.48
N ASP B 357 12.37 -5.88 9.70
CA ASP B 357 12.40 -4.62 8.98
C ASP B 357 13.87 -4.18 8.91
N ILE B 358 14.12 -3.07 8.24
CA ILE B 358 15.50 -2.64 8.09
C ILE B 358 16.18 -2.39 9.43
N ASN B 359 15.44 -1.94 10.44
CA ASN B 359 16.08 -1.65 11.72
C ASN B 359 16.33 -2.92 12.52
N THR B 360 15.34 -3.81 12.58
CA THR B 360 15.55 -5.03 13.37
C THR B 360 16.51 -5.98 12.66
N LEU B 361 16.55 -5.95 11.32
CA LEU B 361 17.57 -6.74 10.63
C LEU B 361 18.95 -6.35 11.11
N GLN B 362 19.26 -5.06 11.13
CA GLN B 362 20.54 -4.59 11.63
C GLN B 362 20.78 -5.05 13.07
N GLU B 363 19.76 -4.96 13.93
CA GLU B 363 19.92 -5.38 15.32
C GLU B 363 20.26 -6.85 15.43
N ILE B 364 19.60 -7.68 14.62
CA ILE B 364 19.80 -9.12 14.72
C ILE B 364 21.19 -9.51 14.23
N VAL B 365 21.60 -9.03 13.04
CA VAL B 365 22.92 -9.44 12.56
C VAL B 365 24.02 -8.93 13.47
N GLU B 366 23.89 -7.71 14.02
CA GLU B 366 24.90 -7.24 14.95
C GLU B 366 24.90 -8.06 16.24
N GLY B 367 23.73 -8.47 16.73
CA GLY B 367 23.68 -9.29 17.94
C GLY B 367 24.29 -10.67 17.70
N MET B 368 24.04 -11.24 16.52
CA MET B 368 24.66 -12.51 16.20
C MET B 368 26.17 -12.37 16.12
N LYS B 369 26.65 -11.32 15.46
CA LYS B 369 28.10 -11.11 15.40
C LYS B 369 28.72 -11.01 16.78
N GLN B 370 28.10 -10.25 17.68
CA GLN B 370 28.63 -10.11 19.03
C GLN B 370 28.68 -11.44 19.78
N LYS B 371 27.76 -12.34 19.44
CA LYS B 371 27.69 -13.69 20.08
C LYS B 371 28.49 -14.70 19.25
N MET B 372 29.33 -14.20 18.34
CA MET B 372 30.23 -15.03 17.47
C MET B 372 29.44 -16.03 16.62
N TRP B 373 28.26 -15.64 16.12
CA TRP B 373 27.45 -16.52 15.25
C TRP B 373 27.55 -16.01 13.80
N SER B 374 27.95 -16.88 12.88
CA SER B 374 28.11 -16.46 11.46
C SER B 374 26.74 -16.20 10.82
N ILE B 375 26.64 -15.13 10.02
CA ILE B 375 25.41 -14.85 9.29
C ILE B 375 25.10 -15.94 8.27
N GLU B 376 26.06 -16.85 8.00
CA GLU B 376 25.75 -17.99 7.14
C GLU B 376 24.62 -18.82 7.73
N ASN B 377 24.41 -18.76 9.06
CA ASN B 377 23.45 -19.65 9.70
C ASN B 377 22.01 -19.22 9.47
N ILE B 378 21.76 -18.00 8.99
CA ILE B 378 20.42 -17.43 9.11
C ILE B 378 20.00 -16.82 7.79
N ALA B 379 18.69 -16.78 7.57
CA ALA B 379 18.12 -15.91 6.57
C ALA B 379 16.92 -15.23 7.21
N PHE B 380 16.41 -14.20 6.53
CA PHE B 380 15.29 -13.42 7.11
C PHE B 380 14.09 -13.37 6.16
N GLY B 381 12.90 -13.40 6.74
CA GLY B 381 11.64 -13.28 6.01
C GLY B 381 10.99 -11.97 6.41
N SER B 382 10.67 -11.10 5.44
CA SER B 382 10.04 -9.80 5.77
C SER B 382 8.75 -9.65 4.95
N GLY B 383 7.65 -9.25 5.61
CA GLY B 383 6.36 -9.08 4.93
C GLY B 383 5.94 -7.63 4.88
N GLY B 384 5.27 -7.17 5.93
CA GLY B 384 4.78 -5.77 6.00
C GLY B 384 5.93 -4.79 5.95
N GLY B 385 7.03 -5.08 6.66
CA GLY B 385 8.19 -4.17 6.67
C GLY B 385 8.78 -4.01 5.28
N LEU B 386 8.88 -5.12 4.53
CA LEU B 386 9.45 -5.13 3.16
C LEU B 386 8.55 -4.44 2.12
N LEU B 387 7.24 -4.65 2.16
CA LEU B 387 6.38 -4.14 1.05
C LEU B 387 5.26 -3.18 1.49
N GLN B 388 4.97 -3.05 2.78
CA GLN B 388 3.84 -2.20 3.14
C GLN B 388 4.21 -1.03 4.01
N LYS B 389 5.20 -1.17 4.90
CA LYS B 389 5.50 -0.12 5.88
C LYS B 389 6.47 0.90 5.27
N LEU B 390 5.96 1.56 4.23
CA LEU B 390 6.73 2.48 3.40
C LEU B 390 5.76 3.53 2.88
N THR B 391 6.21 4.78 2.79
CA THR B 391 5.37 5.84 2.27
C THR B 391 6.20 6.72 1.33
N ARG B 392 5.47 7.56 0.60
CA ARG B 392 6.10 8.44 -0.37
C ARG B 392 7.01 9.46 0.31
N ASP B 393 6.82 9.69 1.60
CA ASP B 393 7.65 10.61 2.37
C ASP B 393 9.02 10.04 2.72
N LEU B 394 9.25 8.72 2.63
CA LEU B 394 10.52 8.16 3.05
C LEU B 394 11.67 8.73 2.21
N LEU B 395 11.49 8.81 0.88
CA LEU B 395 12.49 9.34 -0.01
C LEU B 395 12.04 10.68 -0.57
N ASN B 396 10.97 11.24 -0.04
CA ASN B 396 10.47 12.57 -0.49
C ASN B 396 10.27 12.59 -2.00
N CYS B 397 9.57 11.59 -2.49
CA CYS B 397 9.30 11.47 -3.91
C CYS B 397 8.30 12.53 -4.33
N SER B 398 8.65 13.32 -5.35
CA SER B 398 7.91 14.52 -5.61
C SER B 398 7.95 14.89 -7.09
N PHE B 399 6.83 15.37 -7.64
CA PHE B 399 6.67 15.76 -9.04
C PHE B 399 6.26 17.21 -9.10
N LYS B 400 7.00 18.03 -9.87
CA LYS B 400 6.77 19.47 -9.87
C LYS B 400 7.03 20.05 -11.24
N CYS B 401 6.26 21.08 -11.58
CA CYS B 401 6.50 21.85 -12.81
C CYS B 401 7.69 22.77 -12.61
N SER B 402 8.63 22.71 -13.56
CA SER B 402 9.82 23.57 -13.52
C SER B 402 9.95 24.51 -14.70
N TYR B 403 9.14 24.36 -15.72
CA TYR B 403 9.30 25.20 -16.90
C TYR B 403 7.98 25.27 -17.62
N VAL B 404 7.62 26.48 -18.08
CA VAL B 404 6.45 26.63 -18.94
C VAL B 404 6.78 27.58 -20.06
N VAL B 405 6.00 27.49 -21.12
CA VAL B 405 6.08 28.49 -22.20
C VAL B 405 4.71 29.14 -22.30
N THR B 406 4.68 30.47 -22.18
CA THR B 406 3.45 31.25 -22.23
C THR B 406 3.70 32.47 -23.12
N ASN B 407 2.80 32.71 -24.06
CA ASN B 407 3.00 33.77 -25.07
C ASN B 407 4.33 33.58 -25.80
N GLY B 408 4.72 32.32 -26.00
CA GLY B 408 5.93 32.03 -26.70
C GLY B 408 7.21 32.21 -25.92
N LEU B 409 7.14 32.56 -24.63
CA LEU B 409 8.31 32.84 -23.81
C LEU B 409 8.45 31.76 -22.75
N GLY B 410 9.60 31.10 -22.71
CA GLY B 410 9.88 30.13 -21.65
C GLY B 410 10.19 30.84 -20.36
N ILE B 411 9.61 30.36 -19.26
CA ILE B 411 9.96 30.87 -17.96
C ILE B 411 10.26 29.71 -17.03
N ASN B 412 11.25 29.92 -16.18
CA ASN B 412 11.67 28.94 -15.20
C ASN B 412 10.78 29.11 -13.97
N VAL B 413 10.10 28.05 -13.56
CA VAL B 413 9.16 28.16 -12.46
C VAL B 413 9.50 27.15 -11.37
N PHE B 414 9.08 27.47 -10.15
CA PHE B 414 9.41 26.64 -8.96
C PHE B 414 8.56 27.07 -7.77
N LYS B 415 8.65 26.29 -6.69
CA LYS B 415 7.97 26.58 -5.41
C LYS B 415 9.06 26.72 -4.36
N ASP B 416 8.99 27.77 -3.53
CA ASP B 416 9.99 28.00 -2.46
C ASP B 416 9.24 28.35 -1.17
N PRO B 417 8.56 27.41 -0.50
CA PRO B 417 7.80 27.73 0.71
C PRO B 417 8.72 28.30 1.80
N VAL B 418 8.30 29.40 2.42
CA VAL B 418 9.10 30.10 3.47
C VAL B 418 9.28 29.18 4.68
N ALA B 419 8.25 28.42 5.06
CA ALA B 419 8.31 27.53 6.25
C ALA B 419 9.16 26.28 5.98
N ASP B 420 9.26 25.81 4.74
CA ASP B 420 10.11 24.61 4.52
C ASP B 420 11.08 24.80 3.34
N PRO B 421 12.40 24.94 3.60
CA PRO B 421 13.42 25.06 2.55
C PRO B 421 13.56 23.76 1.73
N ASN B 422 13.29 22.62 2.37
CA ASN B 422 13.38 21.27 1.77
C ASN B 422 12.41 21.13 0.58
N LYS B 423 11.24 21.77 0.66
CA LYS B 423 10.20 21.71 -0.41
C LYS B 423 10.59 22.54 -1.66
N ARG B 424 11.60 23.42 -1.57
CA ARG B 424 12.04 24.21 -2.74
C ARG B 424 12.27 23.28 -3.93
N SER B 425 11.72 23.60 -5.11
CA SER B 425 11.86 22.74 -6.28
C SER B 425 12.82 23.34 -7.29
N LYS B 426 13.24 22.54 -8.27
CA LYS B 426 14.25 22.98 -9.24
C LYS B 426 13.63 23.86 -10.31
N LYS B 427 14.50 24.66 -10.98
CA LYS B 427 14.06 25.68 -11.93
C LYS B 427 14.45 25.33 -13.36
N GLY B 428 13.49 25.44 -14.29
CA GLY B 428 13.80 25.41 -15.70
C GLY B 428 13.94 24.02 -16.25
N ARG B 429 14.51 23.96 -17.46
CA ARG B 429 14.74 22.69 -18.12
C ARG B 429 15.92 21.97 -17.46
N LEU B 430 15.75 20.67 -17.21
CA LEU B 430 16.72 19.95 -16.39
C LEU B 430 17.42 18.89 -17.20
N SER B 431 18.60 18.49 -16.73
CA SER B 431 19.33 17.39 -17.36
C SER B 431 20.25 16.79 -16.31
N LEU B 432 20.60 15.52 -16.50
CA LEU B 432 21.38 14.76 -15.52
C LEU B 432 22.74 14.45 -16.14
N HIS B 433 23.81 14.70 -15.38
CA HIS B 433 25.17 14.58 -15.95
C HIS B 433 26.09 13.89 -14.97
N ARG B 434 27.20 13.40 -15.50
CA ARG B 434 28.30 13.00 -14.64
C ARG B 434 29.21 14.19 -14.40
N THR B 435 29.72 14.30 -13.17
CA THR B 435 30.68 15.34 -12.82
C THR B 435 32.07 14.86 -13.19
N PRO B 436 33.07 15.75 -13.13
CA PRO B 436 34.43 15.31 -13.45
C PRO B 436 34.92 14.20 -12.55
N ALA B 437 34.41 14.08 -11.32
CA ALA B 437 34.81 13.00 -10.43
C ALA B 437 33.94 11.78 -10.59
N GLY B 438 32.99 11.80 -11.53
CA GLY B 438 32.17 10.63 -11.78
C GLY B 438 30.90 10.54 -10.98
N ASN B 439 30.51 11.61 -10.30
CA ASN B 439 29.28 11.62 -9.53
C ASN B 439 28.16 12.13 -10.42
N PHE B 440 26.98 12.30 -9.84
CA PHE B 440 25.86 12.84 -10.60
C PHE B 440 25.60 14.29 -10.25
N VAL B 441 25.14 15.06 -11.23
CA VAL B 441 24.67 16.42 -10.98
C VAL B 441 23.47 16.67 -11.87
N THR B 442 22.49 17.39 -11.33
CA THR B 442 21.34 17.84 -12.10
C THR B 442 21.54 19.31 -12.43
N LEU B 443 21.60 19.62 -13.70
CA LEU B 443 21.73 21.03 -14.12
C LEU B 443 20.35 21.61 -14.40
N GLU B 444 20.17 22.84 -13.94
CA GLU B 444 18.90 23.55 -14.02
C GLU B 444 18.99 24.65 -15.07
N GLU B 445 17.84 25.25 -15.35
CA GLU B 445 17.77 26.46 -16.19
C GLU B 445 18.32 26.22 -17.59
N GLY B 446 18.21 25.00 -18.08
CA GLY B 446 18.71 24.68 -19.40
C GLY B 446 20.21 24.64 -19.53
N LYS B 447 20.94 24.71 -18.42
CA LYS B 447 22.40 24.84 -18.52
C LYS B 447 23.07 23.59 -19.09
N GLY B 448 22.40 22.45 -19.12
CA GLY B 448 22.93 21.31 -19.85
C GLY B 448 23.27 21.63 -21.28
N ASP B 449 22.54 22.57 -21.89
CA ASP B 449 22.77 22.92 -23.29
C ASP B 449 24.16 23.48 -23.52
N LEU B 450 24.80 24.04 -22.47
CA LEU B 450 26.15 24.58 -22.61
C LEU B 450 27.21 23.52 -22.83
N GLU B 451 26.89 22.23 -22.61
CA GLU B 451 27.81 21.12 -22.85
C GLU B 451 29.09 21.20 -22.01
N GLU B 452 29.03 21.85 -20.86
CA GLU B 452 30.19 21.86 -19.95
C GLU B 452 30.30 20.56 -19.19
N TYR B 453 29.25 19.76 -19.21
CA TYR B 453 29.19 18.54 -18.43
C TYR B 453 28.81 17.36 -19.30
N GLY B 454 29.09 17.43 -20.60
CA GLY B 454 28.78 16.32 -21.48
C GLY B 454 27.31 16.15 -21.80
N GLN B 455 26.97 15.00 -22.37
CA GLN B 455 25.60 14.68 -22.76
C GLN B 455 24.66 14.35 -21.59
N ASP B 456 23.39 14.63 -21.78
CA ASP B 456 22.37 14.38 -20.77
C ASP B 456 22.19 12.86 -20.57
N LEU B 457 22.19 12.44 -19.31
CA LEU B 457 22.03 11.04 -18.93
C LEU B 457 20.65 10.46 -19.24
N LEU B 458 19.61 11.28 -19.07
CA LEU B 458 18.24 10.85 -19.32
C LEU B 458 17.99 10.47 -20.78
N HIS B 459 17.16 9.45 -20.97
CA HIS B 459 16.81 8.99 -22.31
C HIS B 459 15.31 9.13 -22.51
N THR B 460 14.89 9.46 -23.73
CA THR B 460 13.45 9.40 -24.01
C THR B 460 12.96 7.97 -23.90
N VAL B 461 11.99 7.73 -22.99
CA VAL B 461 11.38 6.41 -22.81
C VAL B 461 9.95 6.36 -23.30
N PHE B 462 9.28 7.49 -23.47
CA PHE B 462 7.92 7.51 -23.98
C PHE B 462 7.78 8.72 -24.87
N LYS B 463 7.16 8.55 -26.04
CA LYS B 463 6.86 9.73 -26.86
C LYS B 463 5.64 9.43 -27.70
N ASN B 464 4.61 10.28 -27.58
CA ASN B 464 3.45 10.25 -28.46
C ASN B 464 2.82 8.85 -28.51
N GLY B 465 2.62 8.28 -27.34
CA GLY B 465 1.90 7.03 -27.19
C GLY B 465 2.73 5.78 -27.31
N LYS B 466 4.04 5.91 -27.54
CA LYS B 466 4.88 4.74 -27.73
C LYS B 466 5.97 4.70 -26.68
N VAL B 467 6.28 3.50 -26.19
CA VAL B 467 7.48 3.29 -25.39
C VAL B 467 8.67 3.25 -26.34
N THR B 468 9.65 4.09 -26.09
CA THR B 468 10.74 4.26 -27.05
C THR B 468 12.06 3.69 -26.57
N LYS B 469 12.17 3.29 -25.31
CA LYS B 469 13.39 2.67 -24.78
C LYS B 469 13.00 1.88 -23.56
N SER B 470 13.61 0.71 -23.39
CA SER B 470 13.19 -0.18 -22.33
CA SER B 470 13.16 -0.31 -22.45
C SER B 470 14.37 -1.04 -21.88
N TYR B 471 14.16 -1.71 -20.75
CA TYR B 471 15.22 -2.43 -20.02
C TYR B 471 14.70 -3.78 -19.61
N SER B 472 15.54 -4.81 -19.77
CA SER B 472 15.15 -6.10 -19.24
C SER B 472 15.39 -6.12 -17.74
N PHE B 473 14.77 -7.10 -17.08
CA PHE B 473 15.01 -7.22 -15.65
C PHE B 473 16.45 -7.59 -15.35
N ASP B 474 17.10 -8.31 -16.26
CA ASP B 474 18.49 -8.65 -16.04
C ASP B 474 19.36 -7.40 -16.05
N GLU B 475 19.09 -6.47 -16.98
CA GLU B 475 19.86 -5.23 -16.99
C GLU B 475 19.61 -4.40 -15.74
N ILE B 476 18.35 -4.32 -15.29
CA ILE B 476 18.02 -3.59 -14.06
C ILE B 476 18.78 -4.16 -12.87
N ARG B 477 18.80 -5.50 -12.75
CA ARG B 477 19.56 -6.12 -11.67
C ARG B 477 21.03 -5.74 -11.74
N LYS B 478 21.61 -5.74 -12.94
CA LYS B 478 23.02 -5.39 -13.05
C LYS B 478 23.26 -3.94 -12.63
N ASN B 479 22.38 -3.03 -13.06
CA ASN B 479 22.53 -1.65 -12.69
C ASN B 479 22.41 -1.42 -11.18
N ALA B 480 21.62 -2.27 -10.48
CA ALA B 480 21.36 -2.07 -9.06
C ALA B 480 22.35 -2.78 -8.15
N GLN B 481 23.38 -3.41 -8.72
CA GLN B 481 24.31 -4.15 -7.86
C GLN B 481 24.97 -3.25 -6.81
N LEU B 482 25.38 -3.87 -5.69
CA LEU B 482 26.12 -3.15 -4.68
C LEU B 482 27.57 -2.97 -5.13
N ASN B 483 28.22 -1.93 -4.62
CA ASN B 483 29.66 -1.76 -4.88
C ASN B 483 30.44 -2.95 -4.36
N ILE B 484 30.11 -3.41 -3.14
CA ILE B 484 30.76 -4.57 -2.53
C ILE B 484 30.70 -5.78 -3.45
N GLU B 485 29.60 -5.93 -4.21
CA GLU B 485 29.48 -7.00 -5.20
C GLU B 485 30.31 -6.71 -6.44
N LEU B 486 30.29 -5.46 -6.92
CA LEU B 486 31.13 -5.04 -8.04
C LEU B 486 32.60 -5.08 -7.58
#